data_4A7Z
#
_entry.id   4A7Z
#
_cell.length_a   132.220
_cell.length_b   82.670
_cell.length_c   97.910
_cell.angle_alpha   90.00
_cell.angle_beta   90.00
_cell.angle_gamma   90.00
#
_symmetry.space_group_name_H-M   'P 21 21 2'
#
loop_
_entity.id
_entity.type
_entity.pdbx_description
1 polymer 'ALDOS-2-ULOSE DEHYDRATASE'
2 non-polymer 'ZINC ION'
3 non-polymer 'MAGNESIUM ION'
4 non-polymer 'Ascopyrone M'
5 water water
#
_entity_poly.entity_id   1
_entity_poly.type   'polypeptide(L)'
_entity_poly.pdbx_seq_one_letter_code
;MYSKVFLKPHCEPEQPAALPLFQPQLVQGGRPDGYWVEAFPFRSDSSKCPNIIGYGLGTYDMKSDIQMLVNPYATTNNQS
SSWTPVPLAKLDFPVAMHYADITKNGFNDVIITDQYGSSMDDIWAYGGRVSWLENPGELRDNWTMRTIGHSPGMHRLKAG
HFTRTDRVQVVAVPIVVASSDLTTPADVIIFTAPDDPRSEQLWQRDVVGTRHLVHEVAIVPAAETDGEMRFDQIILAGRD
GVDCLWYDGARWQRHLVGTGLPEERGDPYWGAGSAAVGRVGDDYAGYICSAEAFHGNTVSVYTKPAGSPTGIVRAEWTRH
VLDVFGPLNGKHTGSIHQVVCADIDGDGEDEFLVAMMGADPPDFQRTGVWCYKLVDRTNMKFSKTKVSSVSAGRIATANF
HSQGSEVDIATISYSVPGYFESPNPSINVFLSTGILAERLDEEVMLRVVRAGSTRFKTEMEFLDVAGKKLTLVVLPPFAR
LDVERNVSGVKVMAGTVCWADENGKHERVPATRPFGCESMIVSADYLESGEEGAILVLYKPSSTSGRPPFRSMDELVAHN
LFPAYVPDSVRAMKFPWVRCADRPWAHGRFKDLDFFNLIGFHVNFADDSAAVLAHVQLWTAGIGVSAGFHNHVEASFCEI
HACIANGTGRGGMRWATVPDANFNPDSPNLEDTELIVVPDMHEHGPLWRTRPDGHPLLRMNDTIDYPWHAWLAGAGNPSP
QAFDVWVAFEFPGFETFSTPPPPRVLEPGRYAIRFGDPHQTASLALQKNDATDGTPVLALLDLDGGPSPQAWNISHVPGT
DMYEIAHAKTGSLVCARWPPVKNQRVAGTHSPAAMGLTSRWAVTKNTKGQITFRLPEAPDHGPLFLSVSAIRHQQEADAI
PVIVQGDSIELSAWSLVPAN
;
_entity_poly.pdbx_strand_id   A
#
# COMPACT_ATOMS: atom_id res chain seq x y z
N GLU A 14 -14.36 -2.78 -1.02
CA GLU A 14 -15.09 -4.03 -0.69
C GLU A 14 -14.12 -5.14 -0.21
N GLN A 15 -13.00 -5.29 -0.93
CA GLN A 15 -12.01 -6.39 -0.74
C GLN A 15 -10.99 -6.11 0.39
N PRO A 16 -10.63 -7.12 1.22
CA PRO A 16 -9.69 -6.95 2.33
C PRO A 16 -8.42 -6.20 1.94
N ALA A 17 -8.04 -5.20 2.73
CA ALA A 17 -6.85 -4.42 2.45
C ALA A 17 -5.56 -5.13 2.83
N ALA A 18 -4.58 -5.12 1.94
CA ALA A 18 -3.28 -5.68 2.24
C ALA A 18 -2.38 -4.62 2.84
N LEU A 19 -1.36 -5.06 3.57
CA LEU A 19 -0.41 -4.14 4.13
C LEU A 19 0.46 -3.49 3.07
N PRO A 20 0.85 -2.24 3.27
CA PRO A 20 1.81 -1.71 2.31
C PRO A 20 3.20 -2.30 2.56
N LEU A 21 4.14 -1.95 1.68
CA LEU A 21 5.55 -2.20 1.89
C LEU A 21 6.19 -1.06 2.70
N PHE A 22 7.34 -1.37 3.29
CA PHE A 22 8.12 -0.42 4.06
C PHE A 22 9.53 -0.35 3.57
N GLN A 23 9.99 0.85 3.28
CA GLN A 23 11.36 1.07 2.94
C GLN A 23 12.00 1.63 4.20
N PRO A 24 12.96 0.88 4.81
CA PRO A 24 13.65 1.41 6.00
C PRO A 24 14.68 2.48 5.64
N GLN A 25 14.81 3.46 6.54
CA GLN A 25 15.86 4.45 6.44
C GLN A 25 16.37 4.63 7.83
N LEU A 26 17.71 4.62 7.96
CA LEU A 26 18.35 4.78 9.25
C LEU A 26 18.50 6.28 9.50
N VAL A 27 17.62 6.83 10.35
CA VAL A 27 17.47 8.28 10.60
C VAL A 27 18.66 8.91 11.33
N GLN A 28 19.24 8.16 12.28
CA GLN A 28 20.37 8.56 13.14
C GLN A 28 20.88 7.32 13.87
N GLY A 29 22.11 6.95 13.62
CA GLY A 29 22.68 5.74 14.21
C GLY A 29 23.75 6.00 15.26
N GLY A 30 24.26 4.89 15.82
CA GLY A 30 25.26 4.89 16.91
C GLY A 30 24.96 5.84 18.06
N ARG A 31 23.70 5.91 18.47
CA ARG A 31 23.34 6.80 19.59
C ARG A 31 23.97 6.36 20.92
N PRO A 32 24.31 7.34 21.78
CA PRO A 32 24.78 7.05 23.15
C PRO A 32 23.74 6.26 23.98
N ASP A 33 22.46 6.64 23.81
CA ASP A 33 21.33 6.11 24.56
C ASP A 33 20.05 6.20 23.70
N GLY A 34 18.89 5.85 24.27
CA GLY A 34 17.63 6.04 23.51
C GLY A 34 16.38 5.80 24.30
N TYR A 35 15.32 6.57 24.03
CA TYR A 35 14.10 6.50 24.85
C TYR A 35 12.81 7.04 24.20
N TRP A 36 12.88 8.26 23.66
CA TRP A 36 11.70 8.96 23.13
C TRP A 36 11.85 9.30 21.68
N VAL A 37 10.76 9.17 20.93
CA VAL A 37 10.71 9.63 19.55
C VAL A 37 9.34 10.26 19.30
N GLU A 38 9.27 11.30 18.50
CA GLU A 38 7.99 11.96 18.29
C GLU A 38 7.91 12.56 16.89
N ALA A 39 6.77 12.37 16.25
CA ALA A 39 6.47 13.10 15.03
C ALA A 39 6.18 14.59 15.35
N PHE A 40 7.04 15.50 14.91
CA PHE A 40 6.96 16.92 15.27
C PHE A 40 6.72 17.85 14.07
N PRO A 41 5.47 18.22 13.82
CA PRO A 41 5.19 19.21 12.80
C PRO A 41 5.69 20.60 13.22
N PHE A 42 6.50 21.21 12.39
CA PHE A 42 6.98 22.57 12.67
C PHE A 42 5.83 23.57 12.83
N ARG A 43 4.83 23.49 11.94
CA ARG A 43 3.65 24.35 12.08
C ARG A 43 2.44 23.57 12.57
N SER A 44 1.56 24.23 13.31
CA SER A 44 0.31 23.62 13.75
C SER A 44 -0.78 23.67 12.66
N ASP A 45 -0.56 24.43 11.59
CA ASP A 45 -1.54 24.40 10.49
C ASP A 45 -1.37 23.18 9.56
N SER A 46 -0.12 22.75 9.35
CA SER A 46 0.22 21.62 8.46
C SER A 46 0.68 20.36 9.21
N SER A 47 0.42 19.21 8.63
CA SER A 47 0.96 17.95 9.16
C SER A 47 1.80 17.23 8.08
N LYS A 48 2.14 17.93 7.02
CA LYS A 48 2.94 17.33 5.97
C LYS A 48 4.43 17.17 6.36
N CYS A 49 5.03 16.11 5.85
CA CYS A 49 6.44 15.78 6.07
C CYS A 49 7.00 16.45 7.37
N PRO A 50 6.41 16.15 8.55
CA PRO A 50 6.90 16.67 9.82
C PRO A 50 8.32 16.20 10.16
N ASN A 51 8.95 16.83 11.14
CA ASN A 51 10.30 16.44 11.59
C ASN A 51 10.19 15.35 12.66
N ILE A 52 11.32 14.89 13.18
CA ILE A 52 11.36 13.91 14.26
C ILE A 52 12.13 14.44 15.49
N ILE A 53 11.58 14.26 16.70
CA ILE A 53 12.32 14.59 17.91
C ILE A 53 12.59 13.29 18.62
N GLY A 54 13.87 13.11 18.99
CA GLY A 54 14.38 11.91 19.67
C GLY A 54 15.41 12.23 20.76
N TYR A 55 15.44 11.41 21.81
CA TYR A 55 16.44 11.51 22.86
C TYR A 55 16.42 10.33 23.80
N GLY A 56 17.38 10.35 24.71
CA GLY A 56 17.43 9.45 25.84
C GLY A 56 17.53 10.26 27.11
N LEU A 57 17.64 9.57 28.24
CA LEU A 57 17.61 10.24 29.53
C LEU A 57 18.96 10.91 29.86
N GLY A 58 19.99 10.61 29.08
CA GLY A 58 21.36 10.95 29.45
C GLY A 58 21.84 10.19 30.69
N THR A 59 22.84 10.77 31.36
CA THR A 59 23.48 10.19 32.57
C THR A 59 23.89 11.33 33.49
N TYR A 60 24.61 11.01 34.56
CA TYR A 60 25.11 12.05 35.44
C TYR A 60 26.30 12.81 34.84
N ASP A 61 26.91 12.24 33.80
CA ASP A 61 28.02 12.87 33.07
C ASP A 61 27.57 13.70 31.90
N MET A 62 26.62 13.15 31.15
CA MET A 62 26.24 13.70 29.88
C MET A 62 24.81 14.13 29.98
N LYS A 63 24.59 15.44 30.06
CA LYS A 63 23.29 16.03 29.74
C LYS A 63 22.83 15.53 28.34
N SER A 64 21.52 15.31 28.21
CA SER A 64 20.92 14.69 27.03
C SER A 64 20.49 15.72 25.98
N ASP A 65 20.87 15.50 24.72
CA ASP A 65 20.54 16.49 23.68
C ASP A 65 19.16 16.22 23.17
N ILE A 66 18.27 17.20 23.28
CA ILE A 66 16.94 17.01 22.68
C ILE A 66 17.00 17.38 21.20
N GLN A 67 17.08 16.37 20.35
CA GLN A 67 17.41 16.62 18.95
C GLN A 67 16.17 16.69 18.06
N MET A 68 16.02 17.78 17.30
CA MET A 68 14.94 17.92 16.32
C MET A 68 15.57 17.62 15.02
N LEU A 69 15.32 16.42 14.53
CA LEU A 69 15.92 15.95 13.26
C LEU A 69 15.07 16.37 12.05
N VAL A 70 15.70 17.14 11.15
CA VAL A 70 15.01 17.76 10.01
C VAL A 70 14.69 16.76 8.91
N ASN A 71 13.46 16.85 8.43
CA ASN A 71 12.93 15.89 7.48
C ASN A 71 13.29 16.30 6.06
N PRO A 72 14.29 15.59 5.47
CA PRO A 72 14.78 15.77 4.10
C PRO A 72 13.67 16.06 3.10
N TYR A 73 12.62 15.24 3.16
CA TYR A 73 11.61 15.22 2.11
C TYR A 73 10.60 16.35 2.29
N ALA A 74 10.92 17.27 3.20
CA ALA A 74 10.12 18.48 3.31
C ALA A 74 10.58 19.45 2.21
N THR A 75 11.89 19.60 1.99
CA THR A 75 12.41 20.51 0.95
C THR A 75 12.14 19.93 -0.45
N THR A 76 11.45 20.72 -1.27
CA THR A 76 10.83 20.17 -2.49
C THR A 76 11.87 19.89 -3.55
N ASN A 77 11.63 18.84 -4.35
CA ASN A 77 12.65 18.28 -5.26
C ASN A 77 13.89 17.82 -4.47
N ASN A 78 13.63 17.12 -3.37
CA ASN A 78 14.69 16.72 -2.45
C ASN A 78 15.74 15.72 -3.01
N GLN A 79 17.03 16.04 -2.79
CA GLN A 79 18.17 15.19 -3.17
C GLN A 79 18.76 14.43 -1.97
N SER A 80 18.52 14.94 -0.77
CA SER A 80 19.17 14.43 0.44
C SER A 80 18.38 13.31 1.08
N SER A 81 19.10 12.34 1.65
CA SER A 81 18.50 11.33 2.56
C SER A 81 18.92 11.53 4.04
N SER A 82 19.63 12.61 4.31
CA SER A 82 20.15 12.94 5.65
C SER A 82 19.19 13.69 6.55
N TRP A 83 19.18 13.31 7.82
CA TRP A 83 18.36 13.98 8.81
C TRP A 83 19.26 14.85 9.62
N THR A 84 19.24 16.16 9.29
CA THR A 84 20.08 17.16 9.96
C THR A 84 19.58 17.35 11.37
N PRO A 85 20.43 16.96 12.34
CA PRO A 85 20.14 17.14 13.77
C PRO A 85 20.26 18.62 14.18
N VAL A 86 19.27 19.08 14.94
CA VAL A 86 19.29 20.41 15.52
C VAL A 86 19.04 20.30 17.05
N PRO A 87 20.09 20.56 17.85
CA PRO A 87 19.84 20.60 19.29
C PRO A 87 18.84 21.71 19.71
N LEU A 88 17.61 21.29 20.00
CA LEU A 88 16.59 22.18 20.56
C LEU A 88 16.90 22.67 21.99
N ALA A 89 17.37 21.73 22.83
CA ALA A 89 17.86 22.00 24.18
C ALA A 89 18.80 20.88 24.72
N LYS A 90 19.36 21.09 25.92
CA LYS A 90 20.29 20.15 26.59
C LYS A 90 20.02 20.12 28.11
N LEU A 91 19.52 18.98 28.59
CA LEU A 91 18.71 18.87 29.82
C LEU A 91 19.05 17.68 30.68
N ASP A 92 19.03 17.89 32.00
CA ASP A 92 19.21 16.81 32.97
C ASP A 92 18.03 15.85 32.92
N PHE A 93 18.31 14.58 32.67
CA PHE A 93 17.29 13.52 32.54
C PHE A 93 15.88 13.93 32.02
N PRO A 94 15.76 14.19 30.70
CA PRO A 94 14.44 14.43 30.11
C PRO A 94 13.71 13.12 30.10
N VAL A 95 12.38 13.11 30.18
CA VAL A 95 11.64 11.88 30.02
C VAL A 95 10.62 11.99 28.92
N ALA A 96 9.43 12.51 29.22
CA ALA A 96 8.33 12.57 28.26
C ALA A 96 8.23 13.94 27.60
N MET A 97 7.54 14.02 26.46
CA MET A 97 7.28 15.29 25.77
C MET A 97 6.06 15.26 24.89
N HIS A 98 5.57 16.43 24.52
CA HIS A 98 4.53 16.57 23.49
C HIS A 98 4.62 17.94 22.90
N TYR A 99 3.63 18.41 22.17
CA TYR A 99 3.72 19.77 21.62
C TYR A 99 2.36 20.39 21.45
N ALA A 100 2.33 21.72 21.33
CA ALA A 100 1.15 22.47 20.93
C ALA A 100 1.59 23.90 20.66
N ASP A 101 0.66 24.69 20.11
CA ASP A 101 0.90 26.08 19.75
C ASP A 101 0.48 26.96 20.93
N ILE A 102 1.40 27.24 21.84
CA ILE A 102 1.11 28.02 23.07
C ILE A 102 1.08 29.51 22.72
N THR A 103 2.03 29.94 21.91
CA THR A 103 2.11 31.35 21.59
C THR A 103 1.01 31.72 20.61
N LYS A 104 0.35 30.68 20.08
CA LYS A 104 -0.82 30.81 19.20
C LYS A 104 -0.44 31.65 18.00
N ASN A 105 0.61 31.20 17.32
CA ASN A 105 1.19 31.92 16.18
C ASN A 105 1.38 31.04 14.96
N GLY A 106 0.92 29.79 15.06
CA GLY A 106 1.04 28.86 13.95
C GLY A 106 2.26 27.98 14.07
N PHE A 107 3.11 28.21 15.08
CA PHE A 107 4.29 27.35 15.27
C PHE A 107 4.16 26.38 16.44
N ASN A 108 4.66 25.17 16.26
CA ASN A 108 4.52 24.15 17.32
C ASN A 108 5.62 24.27 18.37
N ASP A 109 5.22 24.46 19.63
CA ASP A 109 6.16 24.56 20.74
C ASP A 109 6.42 23.24 21.43
N VAL A 110 7.66 22.96 21.84
CA VAL A 110 7.87 21.73 22.62
C VAL A 110 7.56 21.89 24.12
N ILE A 111 6.86 20.89 24.69
CA ILE A 111 6.64 20.79 26.15
C ILE A 111 7.31 19.53 26.64
N ILE A 112 8.13 19.63 27.68
CA ILE A 112 9.06 18.52 28.00
C ILE A 112 9.24 18.43 29.50
N THR A 113 9.33 17.20 30.00
CA THR A 113 9.59 16.99 31.41
C THR A 113 11.04 16.62 31.57
N ASP A 114 11.73 17.24 32.51
CA ASP A 114 13.13 16.88 32.77
C ASP A 114 13.39 16.94 34.25
N GLN A 115 14.67 16.94 34.63
CA GLN A 115 15.08 16.79 36.02
C GLN A 115 14.32 15.63 36.67
N TYR A 116 14.33 14.47 36.04
CA TYR A 116 13.61 13.34 36.56
C TYR A 116 14.43 12.57 37.60
N GLY A 117 15.63 12.17 37.18
CA GLY A 117 16.54 11.37 37.97
C GLY A 117 16.94 10.26 37.04
N SER A 118 17.74 9.30 37.52
CA SER A 118 18.17 8.19 36.65
C SER A 118 17.26 6.93 36.67
N SER A 119 16.42 6.79 37.69
CA SER A 119 15.57 5.61 37.78
C SER A 119 14.49 5.80 38.85
N MET A 120 13.55 4.86 38.91
CA MET A 120 12.53 4.84 39.96
C MET A 120 13.15 4.68 41.35
N ASP A 121 14.44 4.34 41.36
CA ASP A 121 15.19 4.24 42.59
C ASP A 121 16.03 5.48 42.85
N ASP A 122 16.11 6.38 41.88
CA ASP A 122 16.91 7.59 42.00
C ASP A 122 16.10 8.79 41.50
N ILE A 123 15.05 9.12 42.28
CA ILE A 123 14.11 10.20 41.90
C ILE A 123 14.56 11.51 42.55
N TRP A 124 14.67 12.57 41.74
CA TRP A 124 15.10 13.89 42.22
C TRP A 124 13.99 14.55 42.98
N ALA A 125 14.23 14.90 44.24
CA ALA A 125 13.10 15.38 45.04
C ALA A 125 12.65 16.81 44.69
N TYR A 126 13.58 17.60 44.13
CA TYR A 126 13.28 18.95 43.64
C TYR A 126 13.05 18.97 42.12
N GLY A 127 13.06 17.79 41.52
CA GLY A 127 12.92 17.64 40.07
C GLY A 127 11.52 17.35 39.54
N GLY A 128 11.45 16.62 38.43
CA GLY A 128 10.22 16.47 37.66
C GLY A 128 9.74 17.81 37.12
N ARG A 129 10.62 18.53 36.43
CA ARG A 129 10.31 19.85 35.97
C ARG A 129 9.51 19.73 34.68
N VAL A 130 8.55 20.62 34.49
CA VAL A 130 7.76 20.63 33.26
C VAL A 130 7.95 22.00 32.70
N SER A 131 8.40 22.06 31.45
CA SER A 131 8.83 23.32 30.80
C SER A 131 8.34 23.32 29.38
N TRP A 132 8.21 24.50 28.78
CA TRP A 132 7.96 24.51 27.35
C TRP A 132 9.07 25.24 26.64
N LEU A 133 9.33 24.88 25.38
CA LEU A 133 10.39 25.47 24.55
C LEU A 133 9.78 26.24 23.37
N GLU A 134 10.12 27.52 23.25
CA GLU A 134 9.43 28.43 22.34
C GLU A 134 9.98 28.38 20.88
N ASN A 135 9.09 28.08 19.94
CA ASN A 135 9.44 27.90 18.52
C ASN A 135 9.67 29.23 17.85
N PRO A 136 10.92 29.57 17.56
CA PRO A 136 11.22 30.89 17.03
C PRO A 136 10.70 31.11 15.61
N GLY A 137 10.13 30.07 15.00
CA GLY A 137 9.62 30.16 13.63
C GLY A 137 10.66 29.93 12.54
N GLU A 138 11.86 29.54 12.94
CA GLU A 138 12.89 29.17 11.99
C GLU A 138 13.81 28.18 12.69
N LEU A 139 14.51 27.36 11.91
CA LEU A 139 15.36 26.30 12.45
C LEU A 139 16.67 26.83 13.06
N ARG A 140 16.58 27.57 14.16
CA ARG A 140 17.79 27.78 14.95
C ARG A 140 17.77 26.79 16.10
N ASP A 141 18.95 26.55 16.66
CA ASP A 141 19.05 25.66 17.79
C ASP A 141 18.66 26.39 19.09
N ASN A 142 18.94 25.76 20.23
CA ASN A 142 18.64 26.34 21.55
C ASN A 142 17.46 27.34 21.76
N TRP A 143 16.25 26.79 21.89
CA TRP A 143 15.02 27.56 22.11
C TRP A 143 14.91 27.98 23.52
N THR A 144 14.24 29.10 23.74
CA THR A 144 14.02 29.71 25.05
C THR A 144 13.16 28.84 25.95
N MET A 145 13.61 28.68 27.19
CA MET A 145 12.91 27.76 28.05
C MET A 145 12.26 28.46 29.20
N ARG A 146 11.01 28.08 29.50
CA ARG A 146 10.22 28.67 30.56
C ARG A 146 9.58 27.52 31.35
N THR A 147 9.66 27.59 32.67
CA THR A 147 9.20 26.53 33.55
C THR A 147 7.70 26.61 33.73
N ILE A 148 7.02 25.48 33.66
CA ILE A 148 5.57 25.43 33.88
C ILE A 148 5.25 25.05 35.34
N GLY A 149 5.90 23.99 35.82
CA GLY A 149 5.71 23.49 37.19
C GLY A 149 6.67 22.35 37.48
N HIS A 150 6.57 21.77 38.67
CA HIS A 150 7.47 20.75 39.14
C HIS A 150 6.60 19.77 39.90
N SER A 151 6.85 18.48 39.71
CA SER A 151 6.38 17.49 40.66
C SER A 151 7.25 16.23 40.61
N PRO A 152 7.87 15.84 41.74
CA PRO A 152 8.91 14.80 41.66
C PRO A 152 8.41 13.57 40.90
N GLY A 153 9.26 12.95 40.08
CA GLY A 153 8.94 11.69 39.40
C GLY A 153 8.05 11.88 38.20
N MET A 154 7.81 13.15 37.83
CA MET A 154 7.10 13.50 36.61
C MET A 154 7.60 12.65 35.46
N HIS A 155 6.68 11.94 34.79
CA HIS A 155 7.10 10.86 33.90
C HIS A 155 6.37 10.74 32.56
N ARG A 156 5.18 11.34 32.44
CA ARG A 156 4.45 11.37 31.18
C ARG A 156 3.63 12.65 31.14
N LEU A 157 3.38 13.18 29.94
CA LEU A 157 2.47 14.30 29.80
C LEU A 157 1.90 14.37 28.40
N LYS A 158 0.85 15.17 28.24
CA LYS A 158 0.28 15.46 26.94
C LYS A 158 -0.35 16.84 26.95
N ALA A 159 -0.35 17.51 25.80
CA ALA A 159 -1.02 18.81 25.66
C ALA A 159 -2.38 18.62 25.02
N GLY A 160 -3.25 19.62 25.17
CA GLY A 160 -4.62 19.55 24.66
C GLY A 160 -5.58 20.53 25.33
N HIS A 161 -6.87 20.32 25.14
CA HIS A 161 -7.87 21.16 25.77
C HIS A 161 -8.73 20.34 26.76
N PHE A 162 -8.39 20.37 28.04
CA PHE A 162 -9.02 19.46 28.98
C PHE A 162 -10.15 20.08 29.77
N THR A 163 -10.06 21.40 30.03
CA THR A 163 -11.18 22.15 30.67
C THR A 163 -11.56 23.46 29.96
N ARG A 164 -10.86 23.80 28.87
CA ARG A 164 -11.12 25.03 28.06
C ARG A 164 -10.59 24.97 26.62
N THR A 165 -11.02 25.86 25.75
CA THR A 165 -10.60 25.73 24.37
C THR A 165 -9.74 26.89 23.94
N ASP A 166 -9.90 27.99 24.66
CA ASP A 166 -9.23 29.24 24.33
C ASP A 166 -7.76 29.28 24.79
N ARG A 167 -7.24 28.13 25.23
CA ARG A 167 -5.92 28.08 25.88
C ARG A 167 -5.30 26.71 25.98
N VAL A 168 -3.99 26.61 25.73
CA VAL A 168 -3.27 25.32 25.84
C VAL A 168 -3.21 24.84 27.28
N GLN A 169 -3.48 23.55 27.47
CA GLN A 169 -3.38 22.91 28.76
C GLN A 169 -2.60 21.65 28.63
N VAL A 170 -1.93 21.28 29.72
CA VAL A 170 -1.06 20.14 29.75
C VAL A 170 -1.44 19.27 30.94
N VAL A 171 -1.65 17.97 30.70
CA VAL A 171 -1.85 16.96 31.77
C VAL A 171 -0.54 16.25 31.96
N ALA A 172 -0.11 16.10 33.22
CA ALA A 172 1.28 15.66 33.55
C ALA A 172 1.16 14.74 34.72
N VAL A 173 1.86 13.60 34.71
CA VAL A 173 1.69 12.62 35.81
C VAL A 173 3.00 11.97 36.23
N PRO A 174 3.32 11.97 37.55
CA PRO A 174 4.46 11.18 38.05
C PRO A 174 4.15 9.72 38.06
N ILE A 175 5.14 8.88 37.88
CA ILE A 175 4.93 7.46 37.92
C ILE A 175 5.06 7.03 39.35
N VAL A 176 5.98 7.68 40.08
CA VAL A 176 6.19 7.44 41.55
C VAL A 176 6.49 8.84 42.13
N VAL A 177 6.33 8.99 43.46
CA VAL A 177 6.55 10.31 44.14
C VAL A 177 7.95 10.48 44.77
N ALA A 178 8.76 9.42 44.85
CA ALA A 178 10.10 9.45 45.51
C ALA A 178 10.84 8.13 45.29
N SER A 179 12.15 8.11 45.57
CA SER A 179 12.97 6.89 45.34
C SER A 179 12.37 5.58 45.92
N SER A 180 12.20 4.58 45.04
CA SER A 180 11.91 3.17 45.41
C SER A 180 10.52 3.00 45.93
N ASP A 181 9.68 3.99 45.74
CA ASP A 181 8.37 3.95 46.35
C ASP A 181 7.35 3.58 45.32
N LEU A 182 6.95 2.31 45.29
CA LEU A 182 6.01 1.82 44.26
C LEU A 182 4.58 1.69 44.74
N THR A 183 4.31 2.25 45.92
CA THR A 183 3.01 2.11 46.57
C THR A 183 2.26 3.44 46.74
N THR A 184 2.98 4.54 46.86
CA THR A 184 2.32 5.87 46.96
C THR A 184 1.79 6.31 45.58
N PRO A 185 0.46 6.56 45.49
CA PRO A 185 -0.11 7.10 44.24
C PRO A 185 0.32 8.57 44.03
N ALA A 186 0.27 9.04 42.77
CA ALA A 186 0.70 10.40 42.39
C ALA A 186 -0.42 11.19 41.77
N ASP A 187 -0.20 12.50 41.64
CA ASP A 187 -1.21 13.46 41.24
C ASP A 187 -1.37 13.59 39.70
N VAL A 188 -2.60 13.54 39.20
CA VAL A 188 -2.82 13.76 37.79
C VAL A 188 -2.95 15.26 37.68
N ILE A 189 -1.96 15.95 37.10
CA ILE A 189 -1.91 17.41 37.13
C ILE A 189 -2.31 18.02 35.80
N ILE A 190 -3.20 19.02 35.85
CA ILE A 190 -3.54 19.85 34.69
C ILE A 190 -2.87 21.23 34.85
N PHE A 191 -1.91 21.55 33.97
CA PHE A 191 -1.35 22.91 33.86
C PHE A 191 -2.07 23.76 32.78
N THR A 192 -2.34 25.04 33.08
CA THR A 192 -2.99 25.95 32.10
C THR A 192 -2.05 27.09 31.73
N ALA A 193 -1.99 27.35 30.42
CA ALA A 193 -1.22 28.45 29.89
C ALA A 193 -1.76 29.72 30.47
N PRO A 194 -0.89 30.70 30.78
CA PRO A 194 -1.48 31.98 31.08
C PRO A 194 -1.73 32.73 29.77
N ASP A 195 -2.34 33.91 29.87
CA ASP A 195 -2.69 34.72 28.72
C ASP A 195 -1.46 35.22 27.93
N ASP A 196 -0.41 35.59 28.66
CA ASP A 196 0.87 35.89 28.04
C ASP A 196 1.87 34.90 28.62
N PRO A 197 1.92 33.70 28.04
CA PRO A 197 2.93 32.70 28.40
C PRO A 197 4.37 33.20 28.23
N ARG A 198 4.55 34.32 27.54
CA ARG A 198 5.89 34.85 27.28
C ARG A 198 6.49 35.59 28.50
N SER A 199 5.73 35.75 29.57
CA SER A 199 6.33 36.21 30.81
C SER A 199 6.59 35.02 31.74
N GLU A 200 7.84 34.90 32.19
CA GLU A 200 8.26 33.86 33.14
C GLU A 200 7.57 34.02 34.48
N GLN A 201 6.80 33.00 34.81
CA GLN A 201 5.87 33.01 35.91
C GLN A 201 5.35 31.60 35.92
N LEU A 202 4.89 31.15 37.07
CA LEU A 202 4.32 29.82 37.19
C LEU A 202 2.92 29.78 36.59
N TRP A 203 2.68 28.66 35.89
CA TRP A 203 1.40 28.30 35.27
C TRP A 203 0.41 27.79 36.24
N GLN A 204 -0.84 28.16 36.05
CA GLN A 204 -1.86 27.72 37.01
C GLN A 204 -2.08 26.18 36.99
N ARG A 205 -2.20 25.57 38.18
CA ARG A 205 -2.39 24.11 38.31
C ARG A 205 -3.58 23.63 39.17
N ASP A 206 -4.35 22.69 38.63
CA ASP A 206 -5.26 21.91 39.44
C ASP A 206 -4.90 20.44 39.35
N VAL A 207 -4.96 19.75 40.48
CA VAL A 207 -4.92 18.28 40.53
C VAL A 207 -6.30 17.69 40.28
N VAL A 208 -6.40 16.76 39.34
CA VAL A 208 -7.69 16.19 39.00
C VAL A 208 -7.86 14.72 39.34
N GLY A 209 -6.81 14.06 39.86
CA GLY A 209 -6.96 12.71 40.39
C GLY A 209 -5.67 12.18 40.95
N THR A 210 -5.73 10.99 41.59
CA THR A 210 -4.55 10.30 42.11
C THR A 210 -4.44 8.85 41.65
N ARG A 211 -3.30 8.45 41.09
CA ARG A 211 -3.17 7.10 40.55
C ARG A 211 -1.87 6.41 40.91
N HIS A 212 -1.89 5.08 40.90
CA HIS A 212 -0.70 4.29 41.16
C HIS A 212 0.05 3.89 39.85
N LEU A 213 1.35 4.19 39.74
CA LEU A 213 2.23 3.76 38.62
C LEU A 213 1.74 4.09 37.18
N VAL A 214 1.19 5.27 36.98
CA VAL A 214 0.74 5.62 35.67
C VAL A 214 1.99 5.59 34.77
N HIS A 215 1.93 4.77 33.74
CA HIS A 215 3.09 4.66 32.84
C HIS A 215 2.83 5.22 31.48
N GLU A 216 1.57 5.50 31.17
CA GLU A 216 1.30 6.12 29.88
C GLU A 216 0.14 7.07 29.99
N VAL A 217 0.21 8.20 29.29
CA VAL A 217 -0.99 9.01 29.11
C VAL A 217 -1.34 9.14 27.64
N ALA A 218 -2.55 8.74 27.28
CA ALA A 218 -3.05 8.96 25.91
C ALA A 218 -4.26 9.89 25.96
N ILE A 219 -4.56 10.54 24.81
CA ILE A 219 -5.50 11.67 24.70
C ILE A 219 -6.44 11.45 23.53
N VAL A 220 -7.68 11.85 23.65
CA VAL A 220 -8.51 11.75 22.48
C VAL A 220 -8.97 13.16 22.22
N PRO A 221 -8.48 13.80 21.14
CA PRO A 221 -8.94 15.15 20.86
C PRO A 221 -10.48 15.22 20.74
N ALA A 222 -11.07 16.28 21.28
CA ALA A 222 -12.50 16.54 21.11
C ALA A 222 -13.01 16.39 19.67
N ALA A 223 -12.28 16.97 18.72
CA ALA A 223 -12.64 16.90 17.30
C ALA A 223 -12.81 15.47 16.74
N GLU A 224 -12.25 14.48 17.43
CA GLU A 224 -12.30 13.13 16.88
C GLU A 224 -13.57 12.42 17.27
N THR A 225 -14.33 13.01 18.19
CA THR A 225 -15.44 12.28 18.79
C THR A 225 -16.72 12.56 18.06
N ASP A 226 -16.64 13.31 16.97
CA ASP A 226 -17.81 13.53 16.15
C ASP A 226 -18.96 14.13 17.02
N GLY A 227 -18.61 15.19 17.77
CA GLY A 227 -19.56 15.91 18.64
C GLY A 227 -19.98 15.24 19.95
N GLU A 228 -19.34 14.13 20.32
CA GLU A 228 -19.63 13.46 21.59
C GLU A 228 -19.13 14.29 22.78
N MET A 229 -17.88 14.77 22.69
CA MET A 229 -17.19 15.55 23.74
C MET A 229 -16.88 17.01 23.30
N ARG A 230 -16.89 17.95 24.25
CA ARG A 230 -16.34 19.28 23.94
C ARG A 230 -14.82 19.37 24.21
N PHE A 231 -14.33 18.45 25.05
CA PHE A 231 -12.95 18.47 25.51
C PHE A 231 -12.30 17.13 25.36
N ASP A 232 -10.96 17.13 25.45
CA ASP A 232 -10.13 15.93 25.24
C ASP A 232 -10.24 14.96 26.42
N GLN A 233 -10.27 13.67 26.13
CA GLN A 233 -10.36 12.64 27.16
C GLN A 233 -8.96 12.16 27.50
N ILE A 234 -8.74 11.91 28.77
CA ILE A 234 -7.46 11.41 29.23
C ILE A 234 -7.50 9.90 29.61
N ILE A 235 -6.63 9.10 28.99
CA ILE A 235 -6.65 7.67 29.18
C ILE A 235 -5.34 7.28 29.85
N LEU A 236 -5.49 6.73 31.04
CA LEU A 236 -4.33 6.46 31.87
C LEU A 236 -4.11 4.96 31.96
N ALA A 237 -2.87 4.52 31.81
CA ALA A 237 -2.52 3.11 32.01
C ALA A 237 -1.52 3.04 33.13
N GLY A 238 -1.87 2.24 34.16
CA GLY A 238 -1.07 2.12 35.35
C GLY A 238 -1.60 0.97 36.18
N ARG A 239 -1.31 0.97 37.48
CA ARG A 239 -1.51 -0.20 38.31
C ARG A 239 -2.99 -0.36 38.64
N ASP A 240 -3.74 0.71 38.38
CA ASP A 240 -5.17 0.70 38.62
C ASP A 240 -5.87 0.16 37.38
N GLY A 241 -5.08 -0.17 36.37
CA GLY A 241 -5.60 -0.60 35.07
C GLY A 241 -5.61 0.55 34.07
N VAL A 242 -6.65 0.55 33.23
CA VAL A 242 -6.78 1.54 32.16
C VAL A 242 -8.05 2.30 32.47
N ASP A 243 -7.97 3.61 32.62
CA ASP A 243 -9.22 4.36 32.76
C ASP A 243 -9.28 5.70 32.05
N CYS A 244 -10.51 6.22 31.96
CA CYS A 244 -10.80 7.42 31.20
C CYS A 244 -11.29 8.51 32.12
N LEU A 245 -10.67 9.67 31.97
CA LEU A 245 -10.91 10.81 32.82
C LEU A 245 -11.29 11.91 31.88
N TRP A 246 -12.39 12.61 32.14
CA TRP A 246 -12.84 13.68 31.23
C TRP A 246 -13.69 14.69 31.95
N TYR A 247 -13.77 15.90 31.37
CA TYR A 247 -14.46 17.00 31.97
C TYR A 247 -15.66 17.39 31.09
N ASP A 248 -16.81 17.70 31.70
CA ASP A 248 -18.04 17.93 30.93
C ASP A 248 -18.46 19.41 30.77
N GLY A 249 -17.59 20.32 31.22
CA GLY A 249 -17.92 21.72 31.40
C GLY A 249 -18.04 22.16 32.85
N ALA A 250 -18.41 21.24 33.74
CA ALA A 250 -18.68 21.59 35.13
C ALA A 250 -17.98 20.66 36.10
N ARG A 251 -17.68 19.43 35.69
CA ARG A 251 -17.10 18.43 36.62
C ARG A 251 -16.20 17.37 35.94
N TRP A 252 -15.33 16.74 36.72
CA TRP A 252 -14.53 15.61 36.25
C TRP A 252 -15.23 14.31 36.56
N GLN A 253 -15.05 13.32 35.70
CA GLN A 253 -15.71 12.07 35.89
C GLN A 253 -14.78 11.01 35.39
N ARG A 254 -15.03 9.78 35.86
CA ARG A 254 -14.14 8.69 35.63
C ARG A 254 -14.93 7.50 35.16
N HIS A 255 -14.35 6.79 34.20
CA HIS A 255 -14.91 5.58 33.67
C HIS A 255 -13.82 4.55 33.53
N LEU A 256 -13.99 3.47 34.26
CA LEU A 256 -13.03 2.38 34.29
C LEU A 256 -13.23 1.55 33.03
N VAL A 257 -12.13 1.36 32.31
CA VAL A 257 -12.18 0.57 31.11
C VAL A 257 -11.96 -0.86 31.57
N GLY A 258 -10.89 -1.06 32.35
CA GLY A 258 -10.62 -2.35 33.01
C GLY A 258 -9.42 -2.30 33.95
N THR A 259 -9.24 -3.39 34.70
CA THR A 259 -8.23 -3.47 35.74
C THR A 259 -6.88 -4.02 35.31
N GLY A 260 -6.76 -4.55 34.09
CA GLY A 260 -5.43 -4.92 33.55
C GLY A 260 -4.91 -6.22 34.17
N LEU A 261 -3.59 -6.42 34.17
CA LEU A 261 -3.03 -7.62 34.81
C LEU A 261 -3.44 -7.76 36.29
N PRO A 262 -3.89 -8.96 36.69
CA PRO A 262 -4.14 -9.19 38.14
C PRO A 262 -2.79 -9.16 38.91
N GLU A 263 -2.77 -8.65 40.15
CA GLU A 263 -1.55 -8.73 40.96
C GLU A 263 -1.08 -10.21 41.22
N GLU A 264 0.23 -10.44 41.25
CA GLU A 264 0.78 -11.68 41.81
C GLU A 264 1.78 -11.32 42.91
N ARG A 265 1.69 -11.99 44.06
CA ARG A 265 2.44 -11.58 45.26
C ARG A 265 3.93 -11.57 45.00
N GLY A 266 4.61 -10.59 45.58
CA GLY A 266 6.05 -10.42 45.38
C GLY A 266 6.43 -9.74 44.08
N ASP A 267 5.42 -9.21 43.39
CA ASP A 267 5.59 -8.53 42.12
C ASP A 267 4.84 -7.23 42.20
N PRO A 268 5.57 -6.13 42.23
CA PRO A 268 4.90 -4.87 42.47
C PRO A 268 4.15 -4.35 41.22
N TYR A 269 4.30 -5.02 40.07
CA TYR A 269 3.71 -4.55 38.82
C TYR A 269 2.46 -5.28 38.39
N TRP A 270 1.37 -4.54 38.36
CA TRP A 270 0.13 -5.05 37.79
C TRP A 270 -0.63 -3.95 37.12
N GLY A 271 -1.75 -4.30 36.50
CA GLY A 271 -2.57 -3.32 35.78
C GLY A 271 -2.07 -3.14 34.36
N ALA A 272 -1.78 -1.91 33.95
CA ALA A 272 -1.33 -1.66 32.59
C ALA A 272 -0.12 -0.77 32.55
N GLY A 273 0.71 -0.97 31.52
CA GLY A 273 1.91 -0.18 31.24
C GLY A 273 1.63 0.82 30.16
N SER A 274 0.66 0.48 29.30
CA SER A 274 0.37 1.30 28.17
C SER A 274 -1.00 1.02 27.59
N ALA A 275 -1.55 1.98 26.83
CA ALA A 275 -2.84 1.81 26.22
C ALA A 275 -3.12 2.85 25.13
N ALA A 276 -3.82 2.42 24.09
CA ALA A 276 -4.26 3.31 23.04
C ALA A 276 -5.70 2.97 22.62
N VAL A 277 -6.32 3.92 21.95
CA VAL A 277 -7.69 3.86 21.57
C VAL A 277 -7.75 3.78 20.04
N GLY A 278 -8.42 2.73 19.55
CA GLY A 278 -8.40 2.41 18.14
C GLY A 278 -9.71 2.67 17.47
N ARG A 279 -9.65 3.45 16.38
CA ARG A 279 -10.81 3.69 15.54
C ARG A 279 -11.23 2.42 14.81
N VAL A 280 -12.54 2.25 14.62
CA VAL A 280 -13.09 1.21 13.76
C VAL A 280 -14.26 1.86 13.04
N GLY A 281 -14.11 2.12 11.74
CA GLY A 281 -15.17 2.75 10.94
C GLY A 281 -15.51 4.10 11.51
N ASP A 282 -16.79 4.34 11.81
CA ASP A 282 -17.27 5.63 12.34
C ASP A 282 -17.05 5.85 13.83
N ASP A 283 -16.64 4.78 14.50
CA ASP A 283 -16.42 4.76 15.94
C ASP A 283 -14.96 5.04 16.24
N TYR A 284 -14.67 6.24 16.75
CA TYR A 284 -13.29 6.59 17.10
C TYR A 284 -12.71 5.60 18.19
N ALA A 285 -13.59 4.92 18.93
CA ALA A 285 -13.15 3.92 19.89
C ALA A 285 -13.79 2.55 19.62
N GLY A 286 -13.40 1.92 18.53
CA GLY A 286 -13.86 0.60 18.24
C GLY A 286 -13.35 -0.42 19.25
N TYR A 287 -12.16 -0.14 19.79
CA TYR A 287 -11.48 -0.99 20.80
C TYR A 287 -10.43 -0.20 21.53
N ILE A 288 -9.92 -0.76 22.63
CA ILE A 288 -8.78 -0.17 23.34
C ILE A 288 -7.73 -1.28 23.49
N CYS A 289 -6.51 -1.05 23.03
CA CYS A 289 -5.49 -2.06 23.21
C CYS A 289 -4.61 -1.62 24.37
N SER A 290 -3.81 -2.54 24.86
CA SER A 290 -3.12 -2.36 26.12
C SER A 290 -1.94 -3.30 26.24
N ALA A 291 -0.95 -2.90 27.02
CA ALA A 291 0.26 -3.68 27.24
C ALA A 291 0.43 -3.77 28.76
N GLU A 292 0.78 -4.96 29.25
CA GLU A 292 0.70 -5.21 30.68
C GLU A 292 1.85 -6.03 31.23
N ALA A 293 2.29 -5.74 32.46
CA ALA A 293 1.89 -4.57 33.22
C ALA A 293 2.92 -3.52 32.82
N PHE A 294 3.47 -2.82 33.80
CA PHE A 294 4.64 -1.99 33.59
C PHE A 294 5.80 -2.80 32.96
N HIS A 295 6.21 -2.36 31.76
CA HIS A 295 7.28 -3.00 30.99
C HIS A 295 7.04 -4.48 30.90
N GLY A 296 5.77 -4.87 30.80
CA GLY A 296 5.39 -6.28 30.82
C GLY A 296 5.47 -6.93 29.47
N ASN A 297 5.09 -8.21 29.43
CA ASN A 297 5.16 -9.01 28.21
C ASN A 297 3.80 -9.41 27.60
N THR A 298 2.73 -8.77 28.07
CA THR A 298 1.35 -9.17 27.83
C THR A 298 0.57 -8.12 27.02
N VAL A 299 0.02 -8.58 25.90
CA VAL A 299 -0.84 -7.75 25.09
C VAL A 299 -2.31 -8.19 25.26
N SER A 300 -3.20 -7.22 25.45
CA SER A 300 -4.60 -7.55 25.57
C SER A 300 -5.39 -6.47 24.86
N VAL A 301 -6.67 -6.74 24.60
CA VAL A 301 -7.56 -5.75 24.02
C VAL A 301 -8.88 -5.72 24.81
N TYR A 302 -9.45 -4.51 24.96
CA TYR A 302 -10.74 -4.39 25.65
C TYR A 302 -11.78 -4.16 24.59
N THR A 303 -12.88 -4.88 24.67
CA THR A 303 -13.95 -4.79 23.70
C THR A 303 -15.26 -4.36 24.36
N LYS A 304 -16.20 -3.91 23.52
CA LYS A 304 -17.54 -3.50 23.94
C LYS A 304 -18.55 -4.32 23.13
N PRO A 305 -19.69 -4.72 23.73
CA PRO A 305 -20.61 -5.52 22.90
C PRO A 305 -20.95 -4.82 21.56
N ALA A 306 -21.06 -5.57 20.47
CA ALA A 306 -21.50 -5.01 19.20
C ALA A 306 -22.81 -4.28 19.43
N GLY A 307 -23.04 -3.22 18.66
CA GLY A 307 -24.23 -2.39 18.84
C GLY A 307 -24.07 -1.47 20.03
N SER A 308 -22.85 -1.32 20.53
CA SER A 308 -22.60 -0.35 21.61
C SER A 308 -22.57 1.05 21.02
N PRO A 309 -22.84 2.07 21.85
CA PRO A 309 -22.74 3.47 21.44
C PRO A 309 -21.28 3.76 21.13
N THR A 310 -21.04 4.73 20.25
CA THR A 310 -19.66 5.12 19.92
C THR A 310 -19.03 5.75 21.14
N GLY A 311 -17.69 5.79 21.15
CA GLY A 311 -16.90 6.39 22.22
C GLY A 311 -16.52 5.43 23.34
N ILE A 312 -16.06 5.99 24.47
CA ILE A 312 -15.52 5.18 25.56
C ILE A 312 -16.47 5.05 26.77
N VAL A 313 -17.07 6.15 27.19
CA VAL A 313 -17.64 6.22 28.56
C VAL A 313 -18.98 5.56 28.71
N ARG A 314 -19.61 5.24 27.57
CA ARG A 314 -20.98 4.73 27.51
C ARG A 314 -21.06 3.22 27.29
N ALA A 315 -19.92 2.57 27.15
CA ALA A 315 -19.91 1.12 26.98
C ALA A 315 -19.23 0.44 28.16
N GLU A 316 -19.66 -0.73 28.59
CA GLU A 316 -18.81 -1.48 29.52
C GLU A 316 -17.77 -2.29 28.73
N TRP A 317 -16.54 -2.29 29.23
CA TRP A 317 -15.40 -2.94 28.55
C TRP A 317 -14.92 -4.21 29.22
N THR A 318 -14.66 -5.22 28.39
CA THR A 318 -14.19 -6.55 28.76
C THR A 318 -12.79 -6.78 28.18
N ARG A 319 -11.91 -7.37 28.98
CA ARG A 319 -10.52 -7.53 28.66
C ARG A 319 -10.29 -8.89 28.03
N HIS A 320 -9.58 -8.94 26.91
CA HIS A 320 -9.16 -10.24 26.35
C HIS A 320 -7.69 -10.23 26.11
N VAL A 321 -6.99 -11.14 26.82
CA VAL A 321 -5.53 -11.38 26.68
C VAL A 321 -5.21 -11.97 25.29
N LEU A 322 -4.33 -11.31 24.52
CA LEU A 322 -4.00 -11.73 23.13
C LEU A 322 -2.73 -12.57 22.96
N ASP A 323 -1.68 -12.25 23.72
CA ASP A 323 -0.37 -12.97 23.70
C ASP A 323 0.28 -12.70 25.03
N VAL A 324 1.22 -13.53 25.41
CA VAL A 324 2.15 -13.26 26.49
C VAL A 324 3.44 -13.52 25.77
N PHE A 325 4.38 -12.56 25.69
CA PHE A 325 5.58 -12.82 24.88
C PHE A 325 6.73 -13.49 25.65
N GLY A 326 6.43 -13.97 26.86
CA GLY A 326 7.40 -14.70 27.68
C GLY A 326 7.51 -14.22 29.12
N PRO A 327 8.32 -14.92 29.91
CA PRO A 327 8.36 -14.58 31.34
C PRO A 327 9.10 -13.25 31.63
N LEU A 328 9.08 -12.85 32.91
CA LEU A 328 9.72 -11.64 33.41
C LEU A 328 11.00 -11.99 34.21
N ASN A 329 11.90 -11.03 34.36
CA ASN A 329 13.15 -11.27 35.08
C ASN A 329 13.15 -10.91 36.57
N GLY A 330 14.34 -10.78 37.16
CA GLY A 330 14.50 -10.48 38.57
C GLY A 330 13.95 -9.13 39.00
N LYS A 331 13.84 -8.19 38.06
CA LYS A 331 13.32 -6.83 38.33
C LYS A 331 11.78 -6.77 38.15
N HIS A 332 11.25 -7.92 37.73
CA HIS A 332 9.86 -8.16 37.35
C HIS A 332 9.45 -7.46 36.07
N THR A 333 10.40 -7.21 35.17
CA THR A 333 10.04 -6.64 33.89
C THR A 333 10.18 -7.57 32.68
N GLY A 334 9.78 -7.04 31.53
CA GLY A 334 9.68 -7.76 30.27
C GLY A 334 10.09 -6.83 29.14
N SER A 335 9.45 -6.97 27.99
CA SER A 335 9.90 -6.31 26.77
C SER A 335 8.93 -5.32 26.08
N ILE A 336 7.70 -5.13 26.59
CA ILE A 336 6.79 -4.25 25.93
C ILE A 336 6.77 -2.85 26.57
N HIS A 337 7.06 -1.78 25.82
CA HIS A 337 7.05 -0.43 26.43
C HIS A 337 5.87 0.45 26.08
N GLN A 338 5.30 0.24 24.91
CA GLN A 338 4.26 1.11 24.44
C GLN A 338 3.36 0.37 23.45
N VAL A 339 2.09 0.75 23.44
CA VAL A 339 1.27 0.50 22.28
C VAL A 339 0.73 1.83 21.69
N VAL A 340 0.55 1.86 20.38
CA VAL A 340 -0.12 2.94 19.71
C VAL A 340 -1.06 2.39 18.65
N CYS A 341 -2.04 3.24 18.29
CA CYS A 341 -2.90 2.93 17.17
C CYS A 341 -2.62 3.84 16.01
N ALA A 342 -2.59 3.24 14.82
CA ALA A 342 -2.58 3.95 13.53
C ALA A 342 -3.26 3.17 12.39
N ASP A 343 -3.81 3.89 11.43
CA ASP A 343 -4.40 3.20 10.30
C ASP A 343 -3.33 2.84 9.25
N ILE A 344 -2.69 1.66 9.41
CA ILE A 344 -1.53 1.28 8.59
C ILE A 344 -1.88 0.99 7.16
N ASP A 345 -3.00 0.32 6.90
CA ASP A 345 -3.31 -0.02 5.52
C ASP A 345 -4.44 0.81 4.90
N GLY A 346 -4.86 1.88 5.58
CA GLY A 346 -5.74 2.91 5.00
C GLY A 346 -7.15 2.44 4.70
N ASP A 347 -7.59 1.40 5.42
CA ASP A 347 -8.94 0.86 5.23
C ASP A 347 -10.00 1.46 6.16
N GLY A 348 -9.64 2.50 6.93
CA GLY A 348 -10.56 3.13 7.88
C GLY A 348 -10.79 2.45 9.24
N GLU A 349 -9.92 1.54 9.64
CA GLU A 349 -9.92 0.99 10.96
C GLU A 349 -8.47 0.99 11.39
N ASP A 350 -8.17 1.23 12.67
CA ASP A 350 -6.81 1.33 13.12
C ASP A 350 -6.22 -0.04 13.39
N GLU A 351 -4.98 -0.22 13.03
CA GLU A 351 -4.20 -1.32 13.56
C GLU A 351 -3.55 -0.78 14.80
N PHE A 352 -2.95 -1.68 15.57
CA PHE A 352 -2.12 -1.24 16.64
C PHE A 352 -0.70 -1.80 16.61
N LEU A 353 0.27 -0.95 16.98
CA LEU A 353 1.70 -1.33 17.01
C LEU A 353 2.19 -1.57 18.45
N VAL A 354 3.07 -2.53 18.65
CA VAL A 354 3.52 -2.85 19.99
C VAL A 354 5.01 -2.66 19.92
N ALA A 355 5.54 -1.79 20.79
CA ALA A 355 6.97 -1.44 20.79
C ALA A 355 7.75 -2.44 21.66
N MET A 356 8.49 -3.30 20.97
CA MET A 356 9.28 -4.33 21.66
C MET A 356 10.67 -3.76 21.87
N MET A 357 10.98 -3.58 23.16
CA MET A 357 12.27 -3.08 23.64
C MET A 357 13.43 -3.97 23.30
N GLY A 358 13.21 -5.28 23.36
CA GLY A 358 14.30 -6.23 23.19
C GLY A 358 14.44 -6.98 24.49
N ALA A 359 15.33 -7.96 24.52
CA ALA A 359 15.38 -8.79 25.69
C ALA A 359 16.78 -9.26 25.98
N ASP A 360 16.92 -9.76 27.21
CA ASP A 360 18.14 -10.33 27.76
C ASP A 360 17.81 -11.73 28.27
N PRO A 361 18.37 -12.77 27.63
CA PRO A 361 19.20 -12.79 26.42
C PRO A 361 18.36 -12.39 25.20
N PRO A 362 19.00 -12.03 24.06
CA PRO A 362 18.29 -11.50 22.86
C PRO A 362 17.19 -12.41 22.35
N ASP A 363 16.15 -11.82 21.79
CA ASP A 363 15.03 -12.60 21.28
C ASP A 363 14.31 -11.77 20.24
N PHE A 364 14.31 -12.22 19.00
CA PHE A 364 13.63 -11.45 17.96
C PHE A 364 12.13 -11.28 18.26
N GLN A 365 11.50 -12.30 18.83
CA GLN A 365 10.09 -12.26 19.17
C GLN A 365 9.78 -11.00 19.98
N ARG A 366 10.74 -10.55 20.80
CA ARG A 366 10.56 -9.37 21.65
C ARG A 366 11.31 -8.10 21.21
N THR A 367 11.68 -8.04 19.94
CA THR A 367 12.45 -6.92 19.47
C THR A 367 11.82 -6.36 18.22
N GLY A 368 11.53 -5.07 18.24
CA GLY A 368 10.99 -4.41 17.07
C GLY A 368 9.56 -3.98 17.27
N VAL A 369 8.76 -4.19 16.25
CA VAL A 369 7.37 -3.73 16.20
C VAL A 369 6.50 -4.87 15.71
N TRP A 370 5.42 -5.13 16.44
CA TRP A 370 4.42 -6.08 15.97
C TRP A 370 3.28 -5.20 15.52
N CYS A 371 2.67 -5.53 14.40
CA CYS A 371 1.48 -4.83 13.94
C CYS A 371 0.24 -5.74 13.98
N TYR A 372 -0.75 -5.42 14.81
CA TYR A 372 -1.92 -6.26 14.94
C TYR A 372 -3.04 -5.70 14.12
N LYS A 373 -3.71 -6.55 13.34
CA LYS A 373 -4.84 -6.16 12.47
C LYS A 373 -6.14 -6.78 12.99
N LEU A 374 -7.20 -5.98 12.97
CA LEU A 374 -8.51 -6.46 13.31
C LEU A 374 -8.99 -7.12 12.03
N VAL A 375 -9.09 -8.44 12.03
CA VAL A 375 -9.53 -9.16 10.84
C VAL A 375 -11.03 -9.44 10.81
N ASP A 376 -11.65 -9.44 11.99
CA ASP A 376 -13.05 -9.80 12.15
C ASP A 376 -13.68 -8.83 13.16
N ARG A 377 -14.38 -7.82 12.62
CA ARG A 377 -14.99 -6.74 13.41
C ARG A 377 -16.06 -7.23 14.40
N THR A 378 -16.84 -8.21 13.96
CA THR A 378 -17.86 -8.89 14.76
C THR A 378 -17.30 -9.62 16.00
N ASN A 379 -16.38 -10.57 15.80
CA ASN A 379 -15.81 -11.41 16.90
C ASN A 379 -14.57 -10.82 17.58
N MET A 380 -14.14 -9.65 17.11
CA MET A 380 -12.97 -8.94 17.62
C MET A 380 -11.70 -9.80 17.63
N LYS A 381 -11.49 -10.55 16.55
CA LYS A 381 -10.25 -11.31 16.38
C LYS A 381 -9.16 -10.51 15.68
N PHE A 382 -7.92 -10.66 16.16
CA PHE A 382 -6.82 -9.85 15.66
C PHE A 382 -5.79 -10.80 15.20
N SER A 383 -5.00 -10.44 14.18
CA SER A 383 -3.81 -11.22 13.85
C SER A 383 -2.62 -10.28 13.68
N LYS A 384 -1.41 -10.81 13.84
CA LYS A 384 -0.16 -10.01 13.96
C LYS A 384 0.85 -10.25 12.84
N THR A 385 1.69 -9.26 12.58
N THR A 385 1.63 -9.23 12.50
CA THR A 385 2.72 -9.38 11.56
CA THR A 385 2.71 -9.33 11.50
C THR A 385 3.92 -8.59 12.11
C THR A 385 3.92 -8.50 11.96
N LYS A 386 5.13 -9.04 11.81
CA LYS A 386 6.33 -8.32 12.23
C LYS A 386 6.62 -7.23 11.19
N VAL A 387 6.73 -5.99 11.64
CA VAL A 387 6.94 -4.86 10.75
C VAL A 387 8.41 -4.44 10.71
N SER A 388 9.10 -4.77 11.78
CA SER A 388 10.50 -4.36 12.03
C SER A 388 11.04 -5.20 13.21
N SER A 389 12.33 -5.44 13.21
CA SER A 389 12.92 -6.28 14.23
C SER A 389 14.10 -5.61 14.92
N VAL A 390 14.15 -4.28 14.91
CA VAL A 390 15.21 -3.59 15.67
C VAL A 390 14.52 -2.88 16.84
N SER A 391 15.15 -2.94 18.01
CA SER A 391 14.58 -2.35 19.22
C SER A 391 13.65 -1.12 18.99
N ALA A 392 12.45 -1.19 19.55
CA ALA A 392 11.55 -0.05 19.58
C ALA A 392 11.13 0.29 21.03
N GLY A 393 11.70 1.39 21.52
CA GLY A 393 11.36 1.90 22.83
C GLY A 393 10.15 2.82 22.85
N ARG A 394 9.89 3.44 21.70
CA ARG A 394 8.72 4.28 21.52
C ARG A 394 8.42 4.27 20.02
N ILE A 395 7.19 4.52 19.60
CA ILE A 395 6.84 4.45 18.19
C ILE A 395 6.12 5.74 17.84
N ALA A 396 6.48 6.39 16.75
CA ALA A 396 5.71 7.55 16.28
C ALA A 396 5.22 7.33 14.85
N THR A 397 3.97 7.71 14.61
CA THR A 397 3.39 7.65 13.29
C THR A 397 3.10 9.02 12.63
N ALA A 398 3.39 9.11 11.33
CA ALA A 398 2.94 10.19 10.50
C ALA A 398 3.29 9.82 9.08
N ASN A 399 2.93 10.69 8.15
CA ASN A 399 3.36 10.48 6.81
C ASN A 399 4.57 11.33 6.68
N PHE A 400 5.73 10.67 6.65
CA PHE A 400 7.04 11.35 6.59
C PHE A 400 7.53 11.68 5.16
N HIS A 401 6.78 11.30 4.14
CA HIS A 401 7.32 11.45 2.81
C HIS A 401 6.41 11.93 1.71
N SER A 402 5.10 11.91 1.91
CA SER A 402 4.20 12.20 0.80
C SER A 402 2.93 12.89 1.27
N GLN A 403 2.13 13.32 0.31
CA GLN A 403 0.94 14.09 0.60
C GLN A 403 -0.28 13.22 1.02
N GLY A 404 -0.33 11.95 0.59
CA GLY A 404 -1.48 11.05 0.82
C GLY A 404 -1.66 10.64 2.27
N SER A 405 -2.57 9.72 2.55
CA SER A 405 -2.75 9.34 3.97
C SER A 405 -2.14 8.00 4.34
N GLU A 406 -1.02 7.70 3.69
CA GLU A 406 -0.17 6.59 4.10
C GLU A 406 0.46 6.93 5.46
N VAL A 407 0.83 5.90 6.21
CA VAL A 407 1.30 6.10 7.55
C VAL A 407 2.67 5.42 7.68
N ASP A 408 3.71 6.20 7.94
CA ASP A 408 5.06 5.68 8.14
C ASP A 408 5.26 5.48 9.64
N ILE A 409 6.17 4.60 10.01
CA ILE A 409 6.45 4.33 11.40
C ILE A 409 7.85 4.79 11.74
N ALA A 410 8.01 5.63 12.73
CA ALA A 410 9.37 5.85 13.21
C ALA A 410 9.62 5.21 14.58
N THR A 411 10.85 4.74 14.84
CA THR A 411 11.15 4.15 16.16
C THR A 411 12.50 4.57 16.73
N ILE A 412 12.65 4.42 18.03
CA ILE A 412 13.94 4.64 18.66
C ILE A 412 14.24 3.45 19.56
N SER A 413 15.48 2.97 19.49
CA SER A 413 15.93 1.88 20.31
C SER A 413 15.67 2.24 21.80
N TYR A 414 15.25 1.24 22.57
CA TYR A 414 15.14 1.36 24.00
C TYR A 414 16.50 1.13 24.64
N SER A 415 17.14 2.20 25.12
CA SER A 415 18.42 2.06 25.85
C SER A 415 18.48 2.97 27.08
N VAL A 416 18.23 2.41 28.24
CA VAL A 416 18.16 3.20 29.45
C VAL A 416 18.93 2.47 30.55
N PRO A 417 20.05 3.05 30.96
CA PRO A 417 20.81 2.52 32.09
C PRO A 417 19.91 2.03 33.25
N GLY A 418 20.02 0.75 33.60
CA GLY A 418 19.32 0.18 34.75
C GLY A 418 18.02 -0.55 34.46
N TYR A 419 17.67 -0.67 33.18
CA TYR A 419 16.41 -1.28 32.73
C TYR A 419 16.64 -2.30 31.62
N PHE A 420 17.12 -1.80 30.48
CA PHE A 420 17.59 -2.57 29.35
C PHE A 420 18.24 -1.62 28.34
N GLU A 421 19.37 -2.04 27.75
CA GLU A 421 20.15 -1.19 26.84
C GLU A 421 20.37 -1.87 25.49
N SER A 422 19.48 -1.58 24.53
CA SER A 422 19.61 -2.22 23.21
C SER A 422 20.92 -1.84 22.54
N PRO A 423 21.72 -2.83 22.20
CA PRO A 423 23.00 -2.58 21.52
C PRO A 423 22.86 -1.84 20.18
N ASN A 424 23.77 -0.90 19.95
CA ASN A 424 23.83 -0.08 18.73
C ASN A 424 22.62 0.84 18.57
N PRO A 425 22.19 1.50 19.66
CA PRO A 425 20.89 2.21 19.65
C PRO A 425 20.74 3.26 18.54
N SER A 426 19.55 3.39 17.99
CA SER A 426 19.35 4.25 16.82
C SER A 426 17.89 4.75 16.61
N ILE A 427 17.72 5.69 15.69
CA ILE A 427 16.39 6.07 15.21
C ILE A 427 16.22 5.60 13.76
N ASN A 428 15.11 4.94 13.46
CA ASN A 428 14.82 4.49 12.12
C ASN A 428 13.43 4.92 11.75
N VAL A 429 13.13 5.00 10.47
CA VAL A 429 11.77 5.24 10.00
C VAL A 429 11.48 4.20 8.91
N PHE A 430 10.22 3.76 8.85
CA PHE A 430 9.82 2.77 7.85
C PHE A 430 8.80 3.44 6.95
N LEU A 431 9.20 3.70 5.69
CA LEU A 431 8.42 4.52 4.79
C LEU A 431 7.42 3.65 4.05
N SER A 432 6.14 3.82 4.37
CA SER A 432 5.09 3.09 3.63
C SER A 432 5.03 3.50 2.15
N THR A 433 4.95 2.47 1.31
CA THR A 433 5.06 2.60 -0.13
C THR A 433 4.54 1.30 -0.79
N GLY A 434 4.10 1.42 -2.04
CA GLY A 434 3.60 0.30 -2.78
C GLY A 434 4.64 -0.14 -3.78
N ILE A 435 5.82 0.51 -3.77
CA ILE A 435 6.91 0.25 -4.70
C ILE A 435 8.23 0.25 -3.93
N LEU A 436 9.04 -0.78 -4.10
CA LEU A 436 10.36 -0.91 -3.42
C LEU A 436 11.35 -1.13 -4.52
N ALA A 437 12.53 -0.54 -4.40
CA ALA A 437 13.53 -0.64 -5.47
C ALA A 437 14.79 -1.25 -4.94
N GLU A 438 15.37 -2.13 -5.74
CA GLU A 438 16.64 -2.84 -5.40
C GLU A 438 17.49 -2.89 -6.64
N ARG A 439 18.79 -2.64 -6.49
CA ARG A 439 19.68 -2.87 -7.60
C ARG A 439 19.88 -4.39 -7.68
N LEU A 440 19.85 -4.92 -8.90
CA LEU A 440 20.34 -6.25 -9.23
C LEU A 440 21.81 -6.10 -9.63
N ASP A 441 22.08 -5.93 -10.92
CA ASP A 441 23.40 -5.49 -11.36
C ASP A 441 23.30 -4.23 -12.22
N GLU A 442 22.94 -4.34 -13.50
CA GLU A 442 22.73 -3.14 -14.36
C GLU A 442 21.27 -2.73 -14.41
N GLU A 443 20.40 -3.65 -14.02
CA GLU A 443 18.98 -3.42 -14.04
C GLU A 443 18.42 -3.27 -12.60
N VAL A 444 17.29 -2.60 -12.44
CA VAL A 444 16.67 -2.37 -11.12
C VAL A 444 15.54 -3.37 -10.99
N MET A 445 15.42 -3.96 -9.81
CA MET A 445 14.21 -4.69 -9.43
C MET A 445 13.18 -3.77 -8.73
N LEU A 446 12.01 -3.62 -9.34
CA LEU A 446 10.90 -2.88 -8.71
C LEU A 446 9.84 -3.86 -8.20
N ARG A 447 9.73 -4.04 -6.88
CA ARG A 447 8.62 -4.87 -6.37
C ARG A 447 7.40 -4.01 -6.10
N VAL A 448 6.24 -4.51 -6.54
CA VAL A 448 4.98 -3.78 -6.43
C VAL A 448 3.93 -4.58 -5.67
N VAL A 449 3.13 -3.88 -4.85
CA VAL A 449 1.95 -4.46 -4.23
C VAL A 449 0.88 -4.78 -5.30
N ARG A 450 -0.08 -5.66 -4.97
CA ARG A 450 -1.23 -5.85 -5.86
C ARG A 450 -2.14 -4.60 -5.80
N ALA A 451 -2.53 -4.02 -6.95
CA ALA A 451 -3.39 -2.82 -6.93
C ALA A 451 -4.77 -3.07 -6.31
N GLY A 452 -5.31 -4.26 -6.58
CA GLY A 452 -6.62 -4.60 -6.08
C GLY A 452 -6.74 -4.36 -4.58
N SER A 453 -5.69 -4.64 -3.81
CA SER A 453 -5.82 -4.65 -2.36
C SER A 453 -5.12 -3.53 -1.60
N THR A 454 -4.47 -2.64 -2.33
CA THR A 454 -3.91 -1.45 -1.69
C THR A 454 -4.95 -0.37 -1.55
N ARG A 455 -4.93 0.37 -0.45
CA ARG A 455 -5.75 1.58 -0.41
C ARG A 455 -5.04 2.90 -0.79
N PHE A 456 -3.77 2.80 -1.21
CA PHE A 456 -2.87 3.96 -1.45
C PHE A 456 -2.35 4.09 -2.90
N LYS A 457 -2.42 5.33 -3.44
CA LYS A 457 -1.67 5.70 -4.63
C LYS A 457 -0.17 5.79 -4.28
N THR A 458 0.70 5.16 -5.07
CA THR A 458 2.15 5.41 -4.99
C THR A 458 2.69 5.81 -6.37
N GLU A 459 3.50 6.87 -6.45
CA GLU A 459 4.24 7.22 -7.66
C GLU A 459 5.70 7.16 -7.35
N MET A 460 6.50 6.61 -8.25
CA MET A 460 7.94 6.65 -8.10
C MET A 460 8.49 6.90 -9.48
N GLU A 461 9.10 8.05 -9.67
CA GLU A 461 9.76 8.43 -10.92
C GLU A 461 10.99 7.57 -11.03
N PHE A 462 11.40 7.23 -12.26
CA PHE A 462 12.62 6.44 -12.42
C PHE A 462 13.62 6.84 -13.52
N LEU A 463 13.15 7.18 -14.70
CA LEU A 463 14.09 7.52 -15.75
C LEU A 463 13.63 8.74 -16.51
N ASP A 464 14.50 9.71 -16.67
CA ASP A 464 14.18 10.92 -17.42
C ASP A 464 14.78 10.70 -18.82
N VAL A 465 13.94 10.58 -19.84
CA VAL A 465 14.48 10.19 -21.14
C VAL A 465 13.51 10.62 -22.24
N ALA A 466 14.07 11.06 -23.36
CA ALA A 466 13.26 11.39 -24.54
C ALA A 466 12.13 12.40 -24.28
N GLY A 467 12.40 13.41 -23.44
CA GLY A 467 11.43 14.48 -23.14
C GLY A 467 10.42 14.01 -22.12
N LYS A 468 10.69 12.89 -21.44
CA LYS A 468 9.73 12.32 -20.48
C LYS A 468 10.32 11.80 -19.16
N LYS A 469 9.52 11.93 -18.10
CA LYS A 469 9.86 11.32 -16.82
C LYS A 469 9.06 10.06 -16.64
N LEU A 470 9.70 8.95 -16.92
CA LEU A 470 9.02 7.70 -16.78
C LEU A 470 8.79 7.45 -15.29
N THR A 471 7.53 7.32 -14.92
CA THR A 471 7.12 7.13 -13.53
C THR A 471 6.29 5.86 -13.35
N LEU A 472 6.74 4.98 -12.49
CA LEU A 472 5.94 3.81 -12.08
C LEU A 472 4.84 4.31 -11.14
N VAL A 473 3.60 3.95 -11.45
CA VAL A 473 2.49 4.35 -10.57
C VAL A 473 1.60 3.15 -10.26
N VAL A 474 1.34 2.92 -8.98
CA VAL A 474 0.27 1.99 -8.52
C VAL A 474 -0.95 2.73 -8.05
N LEU A 475 -2.13 2.36 -8.53
CA LEU A 475 -3.41 3.01 -8.15
C LEU A 475 -4.35 2.02 -7.47
N PRO A 476 -5.02 2.43 -6.37
CA PRO A 476 -5.99 1.48 -5.78
C PRO A 476 -7.27 1.49 -6.59
N PRO A 477 -8.17 0.54 -6.34
CA PRO A 477 -9.38 0.55 -7.16
C PRO A 477 -10.04 1.92 -7.11
N PHE A 478 -10.56 2.35 -8.25
CA PHE A 478 -11.34 3.58 -8.37
C PHE A 478 -10.62 4.84 -7.91
N ALA A 479 -9.28 4.84 -7.95
CA ALA A 479 -8.50 6.01 -7.56
C ALA A 479 -8.36 7.01 -8.69
N ARG A 480 -8.15 8.27 -8.33
CA ARG A 480 -8.12 9.32 -9.32
C ARG A 480 -6.70 9.80 -9.53
N LEU A 481 -6.32 10.05 -10.80
CA LEU A 481 -5.01 10.60 -11.08
C LEU A 481 -5.11 11.88 -11.89
N ASP A 482 -4.77 13.01 -11.27
CA ASP A 482 -4.72 14.31 -11.98
C ASP A 482 -3.55 14.30 -12.98
N VAL A 483 -3.79 14.73 -14.21
CA VAL A 483 -2.72 14.75 -15.22
C VAL A 483 -2.74 16.05 -16.02
N GLU A 484 -1.79 16.19 -16.94
CA GLU A 484 -1.76 17.37 -17.79
C GLU A 484 -2.45 17.07 -19.12
N ARG A 485 -3.67 17.57 -19.29
CA ARG A 485 -4.51 17.23 -20.44
C ARG A 485 -3.77 17.31 -21.80
N ASN A 486 -3.88 16.22 -22.58
CA ASN A 486 -3.26 16.20 -23.93
C ASN A 486 -1.77 16.19 -23.94
N VAL A 487 -1.15 16.07 -22.75
CA VAL A 487 0.30 15.97 -22.63
C VAL A 487 0.71 14.66 -21.94
N SER A 488 0.11 14.37 -20.80
CA SER A 488 0.42 13.20 -20.04
C SER A 488 0.08 11.95 -20.87
N GLY A 489 0.96 10.96 -20.83
CA GLY A 489 0.71 9.70 -21.52
C GLY A 489 0.69 8.59 -20.49
N VAL A 490 -0.10 7.53 -20.74
CA VAL A 490 -0.05 6.35 -19.85
C VAL A 490 0.11 5.02 -20.60
N LYS A 491 0.70 4.02 -19.95
CA LYS A 491 0.73 2.61 -20.46
C LYS A 491 0.39 1.56 -19.36
N VAL A 492 -0.79 0.94 -19.43
CA VAL A 492 -1.19 0.03 -18.37
C VAL A 492 -0.43 -1.31 -18.41
N MET A 493 0.12 -1.70 -17.25
CA MET A 493 0.75 -3.00 -17.11
C MET A 493 -0.14 -4.00 -16.37
N ALA A 494 -0.80 -3.61 -15.29
CA ALA A 494 -1.90 -4.41 -14.78
C ALA A 494 -3.14 -3.56 -14.52
N GLY A 495 -4.32 -4.17 -14.62
CA GLY A 495 -5.55 -3.50 -14.36
C GLY A 495 -6.03 -2.72 -15.56
N THR A 496 -6.73 -1.62 -15.27
CA THR A 496 -7.35 -0.77 -16.25
C THR A 496 -7.47 0.66 -15.68
N VAL A 497 -7.39 1.66 -16.58
CA VAL A 497 -7.65 3.04 -16.25
C VAL A 497 -8.56 3.61 -17.33
N CYS A 498 -9.16 4.76 -17.03
CA CYS A 498 -10.32 5.22 -17.75
C CYS A 498 -10.29 6.75 -17.81
N TRP A 499 -10.72 7.35 -18.91
CA TRP A 499 -10.99 8.78 -18.89
C TRP A 499 -12.09 9.17 -19.79
N ALA A 500 -12.54 10.40 -19.61
CA ALA A 500 -13.67 10.89 -20.41
C ALA A 500 -13.42 12.26 -21.03
N ASP A 501 -13.82 12.39 -22.29
CA ASP A 501 -13.78 13.67 -23.00
C ASP A 501 -15.08 13.82 -23.81
N GLU A 502 -15.07 14.55 -24.92
CA GLU A 502 -16.34 14.79 -25.66
C GLU A 502 -16.89 13.52 -26.33
N ASN A 503 -16.03 12.51 -26.44
CA ASN A 503 -16.33 11.29 -27.17
C ASN A 503 -16.80 10.10 -26.31
N GLY A 504 -16.61 10.18 -25.00
CA GLY A 504 -17.07 9.13 -24.09
C GLY A 504 -15.92 8.64 -23.23
N LYS A 505 -16.04 7.40 -22.74
CA LYS A 505 -14.99 6.74 -22.01
C LYS A 505 -13.90 6.27 -22.95
N HIS A 506 -12.66 6.29 -22.49
CA HIS A 506 -11.53 5.65 -23.16
C HIS A 506 -10.82 4.81 -22.12
N GLU A 507 -10.60 3.53 -22.45
CA GLU A 507 -10.09 2.61 -21.46
C GLU A 507 -8.73 2.13 -21.92
N ARG A 508 -7.78 1.97 -21.00
CA ARG A 508 -6.50 1.38 -21.34
C ARG A 508 -6.24 0.15 -20.49
N VAL A 509 -5.95 -0.96 -21.18
CA VAL A 509 -5.62 -2.26 -20.57
C VAL A 509 -4.16 -2.68 -20.84
N PRO A 510 -3.74 -3.88 -20.39
CA PRO A 510 -2.31 -4.17 -20.69
C PRO A 510 -1.93 -4.28 -22.20
N ALA A 511 -2.87 -4.70 -23.03
CA ALA A 511 -2.60 -4.84 -24.44
C ALA A 511 -3.88 -4.60 -25.19
N THR A 512 -3.83 -3.69 -26.19
CA THR A 512 -5.00 -3.43 -27.03
C THR A 512 -5.22 -4.57 -28.01
N ARG A 513 -6.14 -4.40 -28.95
CA ARG A 513 -6.48 -5.46 -29.94
C ARG A 513 -5.31 -5.83 -30.85
N PRO A 514 -5.09 -7.15 -31.09
CA PRO A 514 -3.99 -7.59 -31.94
C PRO A 514 -3.85 -6.65 -33.13
N PHE A 515 -2.62 -6.25 -33.46
CA PHE A 515 -2.34 -5.49 -34.69
C PHE A 515 -2.90 -4.07 -34.66
N GLY A 516 -3.56 -3.70 -33.56
CA GLY A 516 -4.05 -2.34 -33.35
C GLY A 516 -3.00 -1.36 -32.82
N CYS A 517 -3.45 -0.11 -32.64
CA CYS A 517 -2.59 1.04 -32.36
C CYS A 517 -3.39 2.04 -31.53
N GLU A 518 -3.12 2.10 -30.20
CA GLU A 518 -3.68 3.07 -29.25
C GLU A 518 -2.81 4.33 -29.03
N SER A 519 -3.42 5.49 -28.98
CA SER A 519 -2.76 6.63 -28.39
C SER A 519 -2.65 6.45 -26.84
N MET A 520 -1.51 6.85 -26.27
CA MET A 520 -1.24 6.79 -24.85
C MET A 520 -1.57 8.14 -24.22
N ILE A 521 -1.74 9.17 -25.05
CA ILE A 521 -2.07 10.50 -24.55
C ILE A 521 -3.42 10.58 -23.84
N VAL A 522 -3.45 11.11 -22.60
CA VAL A 522 -4.67 11.31 -21.84
C VAL A 522 -5.29 12.67 -22.17
N SER A 523 -6.47 12.67 -22.78
CA SER A 523 -7.00 13.93 -23.30
C SER A 523 -7.92 14.65 -22.32
N ALA A 524 -7.94 14.19 -21.09
CA ALA A 524 -8.76 14.76 -20.03
C ALA A 524 -7.85 15.29 -18.95
N ASP A 525 -8.43 16.03 -18.00
CA ASP A 525 -7.71 16.58 -16.85
C ASP A 525 -7.33 15.55 -15.82
N TYR A 526 -7.99 14.39 -15.83
CA TYR A 526 -7.65 13.29 -14.92
C TYR A 526 -8.16 11.94 -15.46
N LEU A 527 -7.54 10.87 -14.98
CA LEU A 527 -8.07 9.52 -15.20
C LEU A 527 -8.45 8.78 -13.89
N GLU A 528 -9.11 7.63 -14.02
CA GLU A 528 -9.47 6.81 -12.84
C GLU A 528 -9.23 5.36 -13.11
N SER A 529 -8.85 4.63 -12.08
CA SER A 529 -8.55 3.22 -12.27
C SER A 529 -9.84 2.46 -12.12
N GLY A 530 -9.88 1.22 -12.57
CA GLY A 530 -11.11 0.46 -12.54
C GLY A 530 -11.30 -0.20 -11.20
N GLU A 531 -11.97 -1.35 -11.25
CA GLU A 531 -12.37 -2.14 -10.09
C GLU A 531 -11.19 -2.86 -9.43
N GLU A 532 -10.18 -3.15 -10.23
CA GLU A 532 -8.99 -3.90 -9.84
C GLU A 532 -7.83 -2.97 -9.63
N GLY A 533 -8.08 -1.67 -9.60
CA GLY A 533 -6.98 -0.69 -9.52
C GLY A 533 -6.20 -0.75 -10.82
N ALA A 534 -4.96 -0.26 -10.77
CA ALA A 534 -4.06 -0.28 -11.95
C ALA A 534 -2.59 -0.19 -11.54
N ILE A 535 -1.71 -0.75 -12.36
CA ILE A 535 -0.26 -0.51 -12.27
C ILE A 535 0.22 -0.03 -13.65
N LEU A 536 0.79 1.17 -13.72
CA LEU A 536 1.09 1.74 -15.03
C LEU A 536 2.36 2.53 -15.02
N VAL A 537 2.88 2.82 -16.22
CA VAL A 537 3.94 3.81 -16.42
C VAL A 537 3.32 5.13 -16.86
N LEU A 538 3.60 6.20 -16.12
CA LEU A 538 3.12 7.53 -16.45
C LEU A 538 4.26 8.28 -17.14
N TYR A 539 3.98 8.83 -18.32
CA TYR A 539 4.96 9.64 -19.06
C TYR A 539 4.76 11.11 -18.76
N LYS A 540 5.50 11.64 -17.80
CA LYS A 540 5.33 13.05 -17.41
C LYS A 540 6.12 13.93 -18.39
N PRO A 541 5.60 15.10 -18.73
CA PRO A 541 6.42 15.91 -19.62
C PRO A 541 7.64 16.33 -18.84
N SER A 542 8.79 16.35 -19.50
CA SER A 542 10.06 16.77 -18.89
C SER A 542 10.64 17.94 -19.68
N SER A 543 11.44 18.76 -19.01
CA SER A 543 12.32 19.70 -19.70
C SER A 543 13.79 19.34 -19.47
N THR A 544 14.02 18.29 -18.72
CA THR A 544 15.38 17.97 -18.37
C THR A 544 15.94 16.83 -19.18
N SER A 545 15.24 16.39 -20.23
CA SER A 545 15.79 15.32 -21.03
C SER A 545 15.67 15.51 -22.55
N GLY A 546 15.69 16.77 -22.98
CA GLY A 546 15.75 17.07 -24.40
C GLY A 546 14.39 17.22 -25.03
N ARG A 547 14.38 17.48 -26.32
CA ARG A 547 13.17 17.79 -27.08
C ARG A 547 13.32 17.19 -28.49
N PRO A 548 12.30 16.49 -29.00
CA PRO A 548 12.45 15.95 -30.33
C PRO A 548 12.39 17.06 -31.37
N PRO A 549 12.91 16.82 -32.58
CA PRO A 549 13.51 15.55 -33.02
C PRO A 549 14.92 15.31 -32.41
N PHE A 550 15.21 14.06 -32.08
CA PHE A 550 16.47 13.73 -31.49
C PHE A 550 17.44 13.39 -32.59
N ARG A 551 18.38 14.28 -32.79
CA ARG A 551 19.30 14.18 -33.93
C ARG A 551 20.59 13.36 -33.66
N SER A 552 20.90 13.11 -32.39
CA SER A 552 22.06 12.32 -32.03
C SER A 552 21.73 11.68 -30.70
N MET A 553 22.47 10.63 -30.36
CA MET A 553 22.31 9.91 -29.10
C MET A 553 22.77 10.68 -27.87
N ASP A 554 23.72 11.62 -27.98
CA ASP A 554 24.04 12.53 -26.84
C ASP A 554 22.83 13.33 -26.42
N GLU A 555 21.96 13.64 -27.38
CA GLU A 555 20.70 14.32 -27.09
C GLU A 555 19.78 13.49 -26.17
N LEU A 556 19.92 12.16 -26.23
CA LEU A 556 19.00 11.27 -25.55
C LEU A 556 19.57 10.65 -24.29
N VAL A 557 20.71 11.16 -23.83
CA VAL A 557 21.28 10.81 -22.55
C VAL A 557 20.13 10.80 -21.50
N ALA A 558 20.00 9.69 -20.74
CA ALA A 558 18.89 9.52 -19.77
C ALA A 558 19.36 9.80 -18.36
N HIS A 559 18.50 10.29 -17.48
CA HIS A 559 18.93 10.59 -16.11
C HIS A 559 18.16 9.80 -15.07
N ASN A 560 18.89 9.27 -14.08
CA ASN A 560 18.32 8.57 -12.92
C ASN A 560 17.37 9.46 -12.15
N LEU A 561 16.11 9.06 -12.07
CA LEU A 561 15.10 9.85 -11.34
C LEU A 561 14.68 9.39 -9.91
N PHE A 562 15.16 8.23 -9.48
CA PHE A 562 14.70 7.68 -8.22
C PHE A 562 14.80 8.68 -7.09
N PRO A 563 13.74 8.75 -6.25
CA PRO A 563 13.70 9.62 -5.08
C PRO A 563 14.63 9.24 -3.91
N ALA A 564 14.92 10.24 -3.11
CA ALA A 564 15.96 10.16 -2.13
C ALA A 564 15.81 9.03 -1.09
N TYR A 565 14.66 8.36 -1.02
CA TYR A 565 14.44 7.34 0.06
C TYR A 565 14.62 5.90 -0.43
N VAL A 566 14.89 5.77 -1.73
CA VAL A 566 15.25 4.49 -2.35
C VAL A 566 16.70 4.23 -1.97
N PRO A 567 17.17 2.97 -1.98
CA PRO A 567 18.54 2.95 -1.46
C PRO A 567 19.61 3.57 -2.38
N ASP A 568 20.71 3.96 -1.74
CA ASP A 568 21.79 4.69 -2.41
C ASP A 568 22.38 3.96 -3.61
N SER A 569 22.52 2.65 -3.51
CA SER A 569 23.12 1.90 -4.59
C SER A 569 22.26 1.95 -5.87
N VAL A 570 20.94 2.15 -5.70
CA VAL A 570 20.00 2.40 -6.80
C VAL A 570 20.12 3.85 -7.27
N ARG A 571 20.06 4.79 -6.34
CA ARG A 571 20.26 6.20 -6.74
C ARG A 571 21.57 6.46 -7.53
N ALA A 572 22.57 5.59 -7.34
CA ALA A 572 23.92 5.81 -7.92
C ALA A 572 24.04 5.21 -9.31
N MET A 573 23.01 4.47 -9.71
CA MET A 573 23.02 3.81 -11.00
C MET A 573 22.93 4.82 -12.20
N LYS A 574 23.76 4.59 -13.22
CA LYS A 574 23.62 5.26 -14.51
C LYS A 574 22.92 4.28 -15.48
N PHE A 575 22.11 4.80 -16.39
CA PHE A 575 21.54 3.98 -17.47
C PHE A 575 21.99 4.51 -18.83
N PRO A 576 23.14 4.04 -19.34
CA PRO A 576 23.64 4.56 -20.61
C PRO A 576 22.90 3.95 -21.80
N TRP A 577 23.00 4.53 -22.98
CA TRP A 577 22.61 3.86 -24.19
C TRP A 577 23.83 3.17 -24.71
N VAL A 578 23.66 1.97 -25.22
CA VAL A 578 24.76 1.19 -25.69
C VAL A 578 24.35 0.79 -27.08
N ARG A 579 25.29 0.79 -28.02
CA ARG A 579 24.99 0.41 -29.37
C ARG A 579 24.70 -1.10 -29.39
N CYS A 580 23.70 -1.52 -30.12
CA CYS A 580 23.30 -2.90 -30.00
C CYS A 580 24.44 -3.89 -30.32
N ALA A 581 25.32 -3.49 -31.24
CA ALA A 581 26.52 -4.24 -31.64
C ALA A 581 27.41 -4.55 -30.45
N ASP A 582 27.46 -3.62 -29.50
CA ASP A 582 28.34 -3.77 -28.34
C ASP A 582 27.72 -4.56 -27.19
N ARG A 583 26.41 -4.85 -27.21
CA ARG A 583 25.85 -5.66 -26.12
C ARG A 583 26.46 -7.07 -26.21
N PRO A 584 26.56 -7.78 -25.07
CA PRO A 584 27.12 -9.16 -25.03
C PRO A 584 26.25 -10.20 -25.74
N TRP A 585 25.02 -9.87 -26.05
CA TRP A 585 24.20 -10.77 -26.87
C TRP A 585 24.26 -10.51 -28.36
N ALA A 586 25.06 -9.55 -28.81
CA ALA A 586 25.08 -9.25 -30.24
C ALA A 586 25.61 -10.43 -31.06
N HIS A 587 26.69 -11.04 -30.57
CA HIS A 587 27.49 -12.03 -31.30
C HIS A 587 27.78 -11.65 -32.73
N GLY A 588 28.37 -10.46 -32.91
CA GLY A 588 28.80 -9.95 -34.22
C GLY A 588 27.69 -9.40 -35.12
N ARG A 589 26.45 -9.40 -34.63
CA ARG A 589 25.32 -8.85 -35.35
C ARG A 589 25.24 -7.33 -35.22
N PHE A 590 24.40 -6.71 -36.06
CA PHE A 590 24.09 -5.26 -36.00
C PHE A 590 25.31 -4.36 -36.08
N LYS A 591 26.36 -4.82 -36.73
CA LYS A 591 27.49 -3.93 -36.94
C LYS A 591 27.03 -2.74 -37.81
N ASP A 592 27.61 -1.58 -37.55
CA ASP A 592 27.25 -0.36 -38.30
C ASP A 592 25.80 0.13 -38.28
N LEU A 593 25.00 -0.27 -37.29
CA LEU A 593 23.63 0.20 -37.26
C LEU A 593 23.47 1.24 -36.21
N ASP A 594 22.80 2.33 -36.54
CA ASP A 594 22.43 3.27 -35.49
C ASP A 594 21.27 2.77 -34.68
N PHE A 595 21.56 1.81 -33.83
CA PHE A 595 20.56 0.96 -33.15
C PHE A 595 21.03 0.73 -31.70
N PHE A 596 20.33 1.35 -30.73
CA PHE A 596 20.85 1.42 -29.35
C PHE A 596 19.82 0.87 -28.38
N ASN A 597 20.26 0.50 -27.17
CA ASN A 597 19.48 -0.21 -26.17
C ASN A 597 19.74 0.35 -24.77
N LEU A 598 18.71 0.37 -23.92
CA LEU A 598 18.88 0.85 -22.57
C LEU A 598 18.14 -0.07 -21.59
N ILE A 599 18.91 -0.61 -20.66
CA ILE A 599 18.38 -1.55 -19.69
C ILE A 599 18.61 -0.92 -18.33
N GLY A 600 17.64 -1.08 -17.41
CA GLY A 600 16.48 -1.93 -17.60
C GLY A 600 15.77 -2.13 -16.26
N PHE A 601 14.53 -2.64 -16.28
CA PHE A 601 13.65 -2.58 -15.11
C PHE A 601 12.74 -3.78 -15.06
N HIS A 602 12.90 -4.59 -14.02
CA HIS A 602 11.97 -5.70 -13.75
C HIS A 602 10.90 -5.19 -12.88
N VAL A 603 9.67 -5.20 -13.35
CA VAL A 603 8.59 -4.89 -12.45
C VAL A 603 7.93 -6.20 -12.02
N ASN A 604 8.07 -6.56 -10.75
CA ASN A 604 7.58 -7.83 -10.23
C ASN A 604 6.71 -7.67 -9.01
N PHE A 605 5.73 -8.55 -8.88
CA PHE A 605 4.90 -8.54 -7.67
C PHE A 605 5.68 -8.74 -6.37
N ALA A 606 5.49 -7.82 -5.43
CA ALA A 606 6.14 -7.86 -4.10
C ALA A 606 5.80 -9.00 -3.16
N ASP A 607 4.70 -9.72 -3.42
CA ASP A 607 4.21 -10.68 -2.49
C ASP A 607 5.07 -11.94 -2.55
N ASP A 608 4.71 -12.95 -1.76
CA ASP A 608 5.35 -14.23 -1.73
C ASP A 608 5.43 -14.95 -3.08
N SER A 609 4.69 -14.55 -4.09
CA SER A 609 4.84 -15.27 -5.35
C SER A 609 6.11 -14.82 -6.10
N ALA A 610 6.56 -13.61 -5.77
CA ALA A 610 7.57 -12.89 -6.54
C ALA A 610 7.32 -12.99 -8.09
N ALA A 611 6.07 -13.22 -8.50
CA ALA A 611 5.71 -13.37 -9.91
C ALA A 611 6.05 -12.12 -10.74
N VAL A 612 6.38 -12.32 -12.01
CA VAL A 612 6.74 -11.21 -12.89
C VAL A 612 5.47 -10.41 -13.22
N LEU A 613 5.59 -9.10 -13.33
CA LEU A 613 4.53 -8.31 -13.93
C LEU A 613 4.96 -8.03 -15.37
N ALA A 614 6.13 -7.39 -15.55
CA ALA A 614 6.67 -7.11 -16.88
C ALA A 614 8.12 -6.66 -16.74
N HIS A 615 8.96 -7.08 -17.69
CA HIS A 615 10.32 -6.55 -17.81
C HIS A 615 10.33 -5.39 -18.82
N VAL A 616 11.05 -4.31 -18.52
CA VAL A 616 10.94 -3.12 -19.37
C VAL A 616 12.30 -2.63 -19.83
N GLN A 617 12.46 -2.36 -21.11
CA GLN A 617 13.73 -1.84 -21.58
C GLN A 617 13.48 -0.92 -22.76
N LEU A 618 14.50 -0.21 -23.22
CA LEU A 618 14.28 0.79 -24.27
C LEU A 618 15.15 0.64 -25.52
N TRP A 619 14.70 1.25 -26.62
CA TRP A 619 15.46 1.19 -27.85
C TRP A 619 15.39 2.42 -28.65
N THR A 620 16.40 2.61 -29.47
CA THR A 620 16.39 3.65 -30.50
C THR A 620 16.81 3.13 -31.87
N ALA A 621 16.39 3.84 -32.93
CA ALA A 621 16.87 3.61 -34.29
C ALA A 621 16.78 4.87 -35.12
N GLY A 622 17.87 5.17 -35.81
CA GLY A 622 17.96 6.28 -36.67
C GLY A 622 17.46 5.95 -38.06
N ILE A 623 17.45 6.93 -38.95
CA ILE A 623 16.73 6.77 -40.20
C ILE A 623 17.33 5.57 -40.96
N GLY A 624 16.44 4.77 -41.57
CA GLY A 624 16.82 3.61 -42.41
C GLY A 624 17.23 2.31 -41.71
N VAL A 625 17.18 2.30 -40.38
CA VAL A 625 17.68 1.21 -39.60
C VAL A 625 16.59 0.19 -39.27
N SER A 626 16.86 -1.07 -39.57
CA SER A 626 16.00 -2.17 -39.14
C SER A 626 16.57 -2.80 -37.89
N ALA A 627 15.71 -3.04 -36.91
CA ALA A 627 16.14 -3.66 -35.66
C ALA A 627 16.28 -5.19 -35.78
N GLY A 628 16.12 -5.70 -37.00
CA GLY A 628 16.37 -7.12 -37.27
C GLY A 628 15.19 -8.02 -36.99
N PHE A 629 14.80 -8.78 -38.01
CA PHE A 629 13.68 -9.69 -37.89
C PHE A 629 14.05 -10.88 -37.00
N HIS A 630 13.13 -11.19 -36.09
CA HIS A 630 13.35 -12.20 -35.07
C HIS A 630 12.01 -12.76 -34.71
N ASN A 631 12.01 -13.79 -33.86
CA ASN A 631 10.77 -14.49 -33.60
C ASN A 631 10.57 -14.95 -32.21
N HIS A 632 11.51 -14.65 -31.32
CA HIS A 632 11.40 -14.97 -29.89
C HIS A 632 11.34 -16.46 -29.54
N VAL A 633 12.00 -17.30 -30.35
CA VAL A 633 12.23 -18.71 -30.01
C VAL A 633 13.22 -18.82 -28.84
N GLU A 634 13.87 -17.70 -28.50
CA GLU A 634 14.98 -17.76 -27.52
C GLU A 634 14.49 -17.72 -26.09
N ALA A 635 13.46 -16.92 -25.83
CA ALA A 635 12.93 -16.67 -24.48
C ALA A 635 11.50 -16.35 -24.68
N SER A 636 10.66 -16.75 -23.73
CA SER A 636 9.23 -16.68 -23.87
C SER A 636 8.69 -15.40 -23.29
N PHE A 637 7.91 -14.64 -24.08
CA PHE A 637 7.16 -13.51 -23.56
C PHE A 637 6.19 -12.88 -24.56
N CYS A 638 5.23 -12.09 -24.05
CA CYS A 638 4.27 -11.39 -24.90
C CYS A 638 4.63 -9.92 -24.90
N GLU A 639 5.19 -9.40 -26.01
CA GLU A 639 5.71 -8.02 -25.99
C GLU A 639 4.76 -6.94 -26.57
N ILE A 640 4.67 -5.82 -25.87
CA ILE A 640 4.00 -4.65 -26.39
C ILE A 640 5.04 -3.56 -26.40
N HIS A 641 5.07 -2.80 -27.49
CA HIS A 641 5.91 -1.60 -27.60
C HIS A 641 5.12 -0.33 -27.61
N ALA A 642 5.70 0.70 -27.01
CA ALA A 642 5.15 2.02 -26.97
C ALA A 642 6.23 2.96 -27.44
N CYS A 643 6.01 3.55 -28.60
CA CYS A 643 6.94 4.54 -29.15
C CYS A 643 6.85 5.85 -28.38
N ILE A 644 7.97 6.41 -27.92
CA ILE A 644 7.99 7.79 -27.40
C ILE A 644 8.17 8.83 -28.51
N ALA A 645 9.23 8.71 -29.31
CA ALA A 645 9.41 9.62 -30.46
C ALA A 645 9.58 8.83 -31.77
N ASN A 646 8.81 9.18 -32.79
CA ASN A 646 8.99 8.61 -34.12
C ASN A 646 9.87 9.56 -34.94
N GLY A 647 11.10 9.09 -35.23
CA GLY A 647 12.09 9.91 -35.92
C GLY A 647 11.46 10.57 -37.13
N THR A 648 10.62 9.85 -37.87
CA THR A 648 10.14 10.32 -39.19
C THR A 648 8.63 10.47 -39.27
N GLY A 649 7.92 9.91 -38.29
CA GLY A 649 6.47 9.77 -38.37
C GLY A 649 6.12 8.55 -39.19
N ARG A 650 7.13 7.86 -39.71
CA ARG A 650 6.97 6.60 -40.48
C ARG A 650 7.54 5.30 -39.80
N GLY A 651 8.10 5.38 -38.60
CA GLY A 651 8.69 4.20 -38.01
C GLY A 651 7.64 3.32 -37.35
N GLY A 652 7.98 2.07 -37.08
CA GLY A 652 6.95 1.17 -36.64
C GLY A 652 7.32 -0.28 -36.71
N MET A 653 6.31 -1.14 -36.53
CA MET A 653 6.51 -2.58 -36.51
C MET A 653 6.09 -3.26 -37.84
N ARG A 654 6.94 -4.14 -38.35
CA ARG A 654 6.57 -5.06 -39.43
C ARG A 654 6.49 -6.47 -38.90
N TRP A 655 5.52 -7.24 -39.42
CA TRP A 655 5.56 -8.69 -39.31
C TRP A 655 5.36 -9.38 -40.67
N ALA A 656 5.95 -10.56 -40.84
CA ALA A 656 5.72 -11.36 -42.03
C ALA A 656 4.31 -12.01 -42.05
N THR A 657 3.75 -12.08 -43.26
CA THR A 657 2.37 -12.50 -43.53
C THR A 657 2.43 -13.79 -44.28
N VAL A 658 3.63 -14.33 -44.41
CA VAL A 658 3.84 -15.64 -45.03
C VAL A 658 4.17 -16.62 -43.93
N PRO A 659 4.02 -17.93 -44.19
CA PRO A 659 4.55 -18.81 -43.15
C PRO A 659 6.08 -18.57 -42.95
N ASP A 660 6.59 -18.99 -41.80
CA ASP A 660 7.99 -18.81 -41.39
C ASP A 660 9.08 -19.45 -42.29
N ALA A 661 8.79 -20.62 -42.84
CA ALA A 661 9.70 -21.25 -43.76
C ALA A 661 9.93 -20.33 -44.98
N ASN A 662 8.90 -19.55 -45.30
CA ASN A 662 8.86 -18.77 -46.54
C ASN A 662 9.57 -17.43 -46.48
N PHE A 663 10.08 -17.04 -45.31
CA PHE A 663 10.63 -15.71 -45.10
C PHE A 663 12.06 -15.86 -44.67
N ASN A 664 12.94 -15.06 -45.28
CA ASN A 664 14.34 -15.03 -44.91
C ASN A 664 14.66 -13.81 -44.05
N PRO A 665 14.75 -14.00 -42.73
CA PRO A 665 15.03 -12.86 -41.83
C PRO A 665 16.34 -12.10 -42.12
N ASP A 666 17.29 -12.76 -42.78
CA ASP A 666 18.58 -12.17 -43.12
C ASP A 666 18.61 -11.32 -44.37
N SER A 667 17.61 -11.48 -45.23
CA SER A 667 17.56 -10.76 -46.48
C SER A 667 16.08 -10.56 -46.77
N PRO A 668 15.41 -9.75 -45.94
CA PRO A 668 13.95 -9.81 -45.85
C PRO A 668 13.25 -9.32 -47.08
N ASN A 669 12.21 -10.03 -47.53
CA ASN A 669 11.38 -9.53 -48.61
C ASN A 669 10.24 -8.74 -48.00
N LEU A 670 10.48 -7.43 -47.89
CA LEU A 670 9.57 -6.48 -47.31
C LEU A 670 8.15 -6.58 -47.81
N GLU A 671 7.95 -7.01 -49.05
CA GLU A 671 6.58 -7.11 -49.52
C GLU A 671 5.79 -8.23 -48.86
N ASP A 672 6.48 -9.20 -48.28
CA ASP A 672 5.78 -10.24 -47.54
C ASP A 672 5.48 -9.81 -46.10
N THR A 673 5.66 -8.53 -45.81
CA THR A 673 5.34 -7.97 -44.50
C THR A 673 4.22 -6.95 -44.59
N GLU A 674 3.61 -6.66 -43.45
CA GLU A 674 2.70 -5.54 -43.31
C GLU A 674 3.28 -4.61 -42.25
N LEU A 675 3.09 -3.30 -42.43
CA LEU A 675 3.63 -2.31 -41.50
C LEU A 675 2.55 -1.64 -40.66
N ILE A 676 2.85 -1.45 -39.39
CA ILE A 676 2.05 -0.60 -38.53
C ILE A 676 2.93 0.50 -38.01
N VAL A 677 2.76 1.70 -38.57
CA VAL A 677 3.35 2.92 -38.02
C VAL A 677 2.91 3.07 -36.57
N VAL A 678 3.87 3.33 -35.68
CA VAL A 678 3.53 3.58 -34.30
C VAL A 678 3.97 4.98 -33.95
N PRO A 679 3.05 5.97 -34.15
CA PRO A 679 3.26 7.42 -33.98
C PRO A 679 3.71 7.85 -32.56
N ASP A 680 4.13 9.10 -32.42
CA ASP A 680 4.58 9.64 -31.15
C ASP A 680 3.56 9.28 -30.12
N MET A 681 4.05 8.64 -29.06
CA MET A 681 3.23 8.31 -27.88
C MET A 681 2.03 7.38 -28.16
N HIS A 682 2.21 6.40 -29.08
CA HIS A 682 1.22 5.32 -29.29
C HIS A 682 1.78 4.01 -28.85
N GLU A 683 0.91 3.03 -28.69
CA GLU A 683 1.33 1.66 -28.41
C GLU A 683 0.58 0.74 -29.39
N HIS A 684 1.20 -0.37 -29.79
CA HIS A 684 0.58 -1.30 -30.73
C HIS A 684 0.00 -2.50 -30.00
N GLY A 685 -0.95 -3.17 -30.66
CA GLY A 685 -1.50 -4.43 -30.21
C GLY A 685 -0.55 -5.61 -30.43
N PRO A 686 -0.86 -6.77 -29.79
CA PRO A 686 -0.15 -8.05 -29.89
C PRO A 686 0.19 -8.42 -31.32
N LEU A 687 1.41 -8.91 -31.57
CA LEU A 687 1.73 -9.40 -32.88
C LEU A 687 1.88 -10.92 -32.89
N TRP A 688 1.88 -11.54 -31.69
CA TRP A 688 2.07 -12.99 -31.64
C TRP A 688 0.88 -13.71 -32.13
N ARG A 689 1.06 -15.00 -32.41
CA ARG A 689 -0.03 -15.84 -32.90
C ARG A 689 -0.96 -16.26 -31.73
N THR A 690 -2.27 -16.22 -31.95
CA THR A 690 -3.18 -16.55 -30.89
C THR A 690 -4.25 -17.48 -31.42
N ARG A 691 -4.74 -18.36 -30.56
CA ARG A 691 -5.94 -19.15 -30.79
C ARG A 691 -7.14 -18.18 -30.89
N PRO A 692 -8.26 -18.62 -31.44
CA PRO A 692 -9.30 -17.64 -31.77
C PRO A 692 -9.98 -16.89 -30.60
N ASP A 693 -10.07 -17.51 -29.42
CA ASP A 693 -10.56 -16.83 -28.25
C ASP A 693 -9.45 -16.09 -27.50
N GLY A 694 -8.27 -16.01 -28.08
CA GLY A 694 -7.18 -15.22 -27.48
C GLY A 694 -5.98 -15.84 -26.73
N HIS A 695 -5.99 -17.15 -26.48
CA HIS A 695 -4.82 -17.78 -25.84
C HIS A 695 -3.66 -17.83 -26.79
N PRO A 696 -2.43 -17.64 -26.29
CA PRO A 696 -1.32 -17.53 -27.24
C PRO A 696 -0.87 -18.87 -27.80
N LEU A 697 -0.58 -18.93 -29.10
CA LEU A 697 0.01 -20.16 -29.69
C LEU A 697 1.34 -20.43 -29.06
N LEU A 698 1.60 -21.65 -28.65
CA LEU A 698 2.87 -21.95 -28.01
C LEU A 698 3.66 -22.84 -28.92
N ARG A 699 4.93 -22.54 -29.09
CA ARG A 699 5.84 -23.52 -29.67
C ARG A 699 6.17 -24.68 -28.75
N MET A 700 6.83 -25.65 -29.36
CA MET A 700 7.17 -26.92 -28.74
C MET A 700 8.19 -26.80 -27.59
N ASN A 701 8.91 -25.68 -27.53
CA ASN A 701 9.86 -25.42 -26.44
C ASN A 701 9.34 -24.43 -25.43
N ASP A 702 8.01 -24.27 -25.35
CA ASP A 702 7.32 -23.36 -24.43
C ASP A 702 7.66 -21.89 -24.60
N THR A 703 7.69 -21.44 -25.85
CA THR A 703 7.79 -19.99 -26.13
C THR A 703 6.52 -19.52 -26.79
N ILE A 704 6.07 -18.29 -26.49
CA ILE A 704 5.00 -17.65 -27.27
C ILE A 704 5.40 -17.58 -28.74
N ASP A 705 4.49 -18.02 -29.59
CA ASP A 705 4.77 -18.18 -31.00
C ASP A 705 4.50 -16.89 -31.79
N TYR A 706 5.55 -16.37 -32.45
CA TYR A 706 5.50 -15.09 -33.21
C TYR A 706 5.82 -15.31 -34.67
N PRO A 707 5.20 -14.51 -35.55
CA PRO A 707 5.76 -14.57 -36.88
C PRO A 707 7.02 -13.74 -36.89
N TRP A 708 7.89 -13.94 -37.86
CA TRP A 708 9.02 -13.02 -38.07
C TRP A 708 8.53 -11.58 -37.97
N HIS A 709 9.18 -10.78 -37.13
CA HIS A 709 8.80 -9.36 -37.01
C HIS A 709 9.99 -8.50 -36.61
N ALA A 710 9.82 -7.19 -36.64
CA ALA A 710 10.93 -6.24 -36.37
C ALA A 710 10.39 -4.81 -36.26
N TRP A 711 11.11 -3.94 -35.55
CA TRP A 711 10.92 -2.47 -35.67
C TRP A 711 11.80 -1.93 -36.76
N LEU A 712 11.20 -1.32 -37.78
CA LEU A 712 11.96 -0.61 -38.85
C LEU A 712 11.74 0.89 -38.75
N ALA A 713 12.83 1.66 -38.72
CA ALA A 713 12.71 3.11 -38.84
C ALA A 713 12.24 3.51 -40.24
N GLY A 714 11.53 4.62 -40.37
CA GLY A 714 11.24 5.20 -41.69
C GLY A 714 12.48 5.31 -42.59
N ALA A 715 12.32 5.03 -43.88
CA ALA A 715 13.44 5.06 -44.82
C ALA A 715 13.81 6.50 -45.09
N GLY A 716 14.91 6.69 -45.81
CA GLY A 716 15.42 8.02 -46.22
C GLY A 716 16.90 8.13 -45.89
N ASN A 717 17.49 9.30 -46.15
CA ASN A 717 18.90 9.50 -45.74
C ASN A 717 19.01 9.97 -44.28
N PRO A 718 20.01 9.42 -43.54
CA PRO A 718 20.13 9.77 -42.10
C PRO A 718 20.65 11.19 -41.87
N SER A 719 20.48 12.06 -42.86
CA SER A 719 20.90 13.42 -42.69
C SER A 719 19.86 14.43 -43.20
N PRO A 720 19.38 15.30 -42.28
CA PRO A 720 19.79 15.30 -40.89
C PRO A 720 19.16 14.09 -40.17
N GLN A 721 19.80 13.60 -39.10
CA GLN A 721 19.39 12.38 -38.39
C GLN A 721 18.15 12.60 -37.52
N ALA A 722 17.35 11.54 -37.34
CA ALA A 722 16.19 11.58 -36.42
C ALA A 722 15.86 10.23 -35.80
N PHE A 723 15.94 10.14 -34.49
CA PHE A 723 15.83 8.83 -33.87
C PHE A 723 14.41 8.43 -33.48
N ASP A 724 14.00 7.21 -33.84
CA ASP A 724 12.87 6.53 -33.20
C ASP A 724 13.35 6.19 -31.80
N VAL A 725 12.51 6.36 -30.79
CA VAL A 725 12.80 5.92 -29.42
C VAL A 725 11.56 5.19 -28.96
N TRP A 726 11.71 3.99 -28.43
CA TRP A 726 10.52 3.22 -27.98
C TRP A 726 10.81 2.39 -26.78
N VAL A 727 9.75 2.04 -26.03
CA VAL A 727 9.87 1.26 -24.80
C VAL A 727 9.29 -0.15 -25.03
N ALA A 728 9.89 -1.17 -24.44
CA ALA A 728 9.41 -2.55 -24.63
C ALA A 728 8.79 -3.07 -23.33
N PHE A 729 7.56 -3.56 -23.38
CA PHE A 729 6.94 -4.16 -22.20
C PHE A 729 6.88 -5.68 -22.42
N GLU A 730 7.69 -6.43 -21.67
CA GLU A 730 7.68 -7.90 -21.85
C GLU A 730 6.81 -8.57 -20.82
N PHE A 731 5.55 -8.89 -21.14
CA PHE A 731 4.69 -9.66 -20.21
C PHE A 731 4.85 -11.16 -20.35
N PRO A 732 4.73 -11.90 -19.25
CA PRO A 732 4.40 -13.36 -19.31
C PRO A 732 3.05 -13.59 -20.02
N GLY A 733 2.88 -14.79 -20.59
CA GLY A 733 1.66 -15.15 -21.32
C GLY A 733 0.36 -14.78 -20.62
N PHE A 734 -0.61 -14.36 -21.40
CA PHE A 734 -1.93 -14.07 -20.88
C PHE A 734 -2.86 -14.25 -22.07
N GLU A 735 -4.17 -14.35 -21.81
CA GLU A 735 -5.17 -14.32 -22.91
C GLU A 735 -5.42 -12.89 -23.42
N THR A 736 -5.36 -12.69 -24.74
CA THR A 736 -5.72 -11.37 -25.28
C THR A 736 -7.10 -11.37 -25.96
N PHE A 737 -7.32 -10.47 -26.94
CA PHE A 737 -8.62 -10.40 -27.65
C PHE A 737 -8.88 -11.56 -28.68
N SER A 738 -10.10 -11.64 -29.20
CA SER A 738 -10.47 -12.75 -30.07
C SER A 738 -10.35 -12.35 -31.56
N THR A 739 -10.43 -13.38 -32.42
CA THR A 739 -10.31 -13.26 -33.88
C THR A 739 -11.41 -14.17 -34.43
N PRO A 740 -12.45 -13.56 -35.03
CA PRO A 740 -12.60 -12.13 -35.21
C PRO A 740 -13.17 -11.51 -33.93
N PRO A 741 -13.26 -10.16 -33.85
CA PRO A 741 -13.86 -9.60 -32.63
C PRO A 741 -15.37 -9.82 -32.64
N PRO A 742 -15.94 -10.53 -31.64
CA PRO A 742 -17.36 -10.87 -31.72
C PRO A 742 -18.20 -9.67 -31.33
N PRO A 743 -19.49 -9.61 -31.74
CA PRO A 743 -20.32 -8.47 -31.35
C PRO A 743 -20.62 -8.43 -29.84
N ARG A 744 -20.75 -7.21 -29.32
CA ARG A 744 -21.15 -6.96 -27.93
C ARG A 744 -22.65 -7.17 -27.83
N VAL A 745 -23.04 -8.16 -27.05
CA VAL A 745 -24.43 -8.56 -26.90
C VAL A 745 -24.77 -8.70 -25.41
N LEU A 746 -23.87 -8.22 -24.54
CA LEU A 746 -24.05 -8.38 -23.10
C LEU A 746 -23.48 -7.26 -22.22
N GLU A 747 -24.30 -6.79 -21.28
CA GLU A 747 -23.86 -5.88 -20.22
C GLU A 747 -23.40 -6.61 -18.95
N PRO A 748 -22.24 -6.23 -18.38
CA PRO A 748 -21.88 -6.79 -17.06
C PRO A 748 -22.95 -6.47 -16.03
N GLY A 749 -23.28 -7.43 -15.17
CA GLY A 749 -24.33 -7.23 -14.17
C GLY A 749 -24.65 -8.42 -13.28
N ARG A 750 -25.60 -8.20 -12.39
CA ARG A 750 -26.09 -9.23 -11.50
C ARG A 750 -27.31 -9.84 -12.22
N TYR A 751 -27.32 -11.18 -12.35
CA TYR A 751 -28.40 -11.90 -13.09
C TYR A 751 -28.85 -13.25 -12.52
N ALA A 752 -30.10 -13.59 -12.74
CA ALA A 752 -30.57 -14.96 -12.64
C ALA A 752 -30.35 -15.55 -14.01
N ILE A 753 -29.90 -16.79 -14.06
CA ILE A 753 -29.61 -17.44 -15.34
C ILE A 753 -30.54 -18.65 -15.61
N ARG A 754 -31.51 -18.45 -16.49
CA ARG A 754 -32.68 -19.32 -16.59
C ARG A 754 -32.75 -20.17 -17.87
N PHE A 755 -33.30 -21.36 -17.72
CA PHE A 755 -33.55 -22.25 -18.84
C PHE A 755 -35.04 -22.61 -18.86
N GLY A 756 -35.57 -22.84 -20.07
CA GLY A 756 -36.96 -23.26 -20.23
C GLY A 756 -37.74 -22.27 -21.07
N ASP A 757 -39.05 -22.48 -21.18
CA ASP A 757 -39.83 -21.58 -22.01
C ASP A 757 -40.91 -20.83 -21.23
N PRO A 758 -41.69 -19.98 -21.92
CA PRO A 758 -42.95 -19.44 -21.40
C PRO A 758 -43.85 -20.47 -20.68
N HIS A 759 -43.32 -21.66 -20.37
CA HIS A 759 -44.11 -22.73 -19.73
C HIS A 759 -43.56 -23.24 -18.40
N GLN A 760 -42.37 -23.85 -18.42
CA GLN A 760 -41.72 -24.30 -17.16
C GLN A 760 -40.19 -24.14 -17.19
N THR A 761 -39.68 -23.32 -16.29
CA THR A 761 -38.28 -22.89 -16.33
C THR A 761 -37.48 -23.35 -15.10
N ALA A 762 -36.15 -23.23 -15.19
CA ALA A 762 -35.25 -23.59 -14.07
C ALA A 762 -34.00 -22.70 -14.08
N SER A 763 -33.42 -22.38 -12.93
CA SER A 763 -32.29 -21.46 -12.93
C SER A 763 -30.95 -22.06 -12.48
N LEU A 764 -29.88 -21.48 -13.02
CA LEU A 764 -28.50 -21.86 -12.69
C LEU A 764 -28.20 -21.67 -11.21
N ALA A 765 -27.61 -22.71 -10.60
CA ALA A 765 -27.40 -22.72 -9.15
C ALA A 765 -26.15 -23.43 -8.70
N LEU A 766 -25.59 -22.93 -7.59
CA LEU A 766 -24.49 -23.56 -6.87
C LEU A 766 -25.09 -24.42 -5.78
N GLN A 767 -24.83 -25.72 -5.83
CA GLN A 767 -25.49 -26.64 -4.94
C GLN A 767 -25.29 -26.22 -3.50
N LYS A 768 -26.42 -25.97 -2.81
CA LYS A 768 -26.48 -25.48 -1.41
C LYS A 768 -25.63 -24.21 -1.14
N ASN A 769 -25.43 -23.38 -2.18
CA ASN A 769 -24.49 -22.27 -2.14
C ASN A 769 -23.21 -22.62 -1.36
N ASP A 770 -22.66 -23.80 -1.58
CA ASP A 770 -21.48 -24.19 -0.85
C ASP A 770 -20.23 -23.62 -1.52
N ALA A 771 -19.42 -22.87 -0.76
CA ALA A 771 -18.21 -22.22 -1.31
C ALA A 771 -17.01 -23.12 -1.67
N THR A 772 -16.99 -24.35 -1.14
CA THR A 772 -15.94 -25.33 -1.44
C THR A 772 -15.63 -25.44 -2.93
N ASP A 773 -14.34 -25.39 -3.30
CA ASP A 773 -13.87 -25.76 -4.68
C ASP A 773 -14.46 -27.12 -5.06
N GLY A 774 -14.94 -27.21 -6.30
CA GLY A 774 -15.57 -28.42 -6.83
C GLY A 774 -17.01 -28.72 -6.40
N THR A 775 -17.75 -27.69 -5.94
CA THR A 775 -19.18 -27.87 -5.62
C THR A 775 -19.92 -27.94 -6.97
N PRO A 776 -20.92 -28.83 -7.08
CA PRO A 776 -21.50 -28.88 -8.43
C PRO A 776 -22.36 -27.67 -8.77
N VAL A 777 -22.38 -27.32 -10.06
CA VAL A 777 -23.33 -26.38 -10.65
C VAL A 777 -24.57 -27.16 -11.23
N LEU A 778 -25.77 -26.65 -10.97
CA LEU A 778 -27.01 -27.33 -11.39
C LEU A 778 -28.02 -26.37 -12.02
N ALA A 779 -29.13 -26.93 -12.48
CA ALA A 779 -30.33 -26.18 -12.81
C ALA A 779 -31.38 -26.64 -11.82
N LEU A 780 -31.83 -25.75 -10.94
CA LEU A 780 -32.87 -26.10 -9.96
C LEU A 780 -34.23 -25.64 -10.48
N LEU A 781 -35.14 -26.59 -10.65
CA LEU A 781 -36.50 -26.29 -11.09
C LEU A 781 -37.07 -25.15 -10.23
N ASP A 782 -37.43 -24.03 -10.85
CA ASP A 782 -38.11 -22.95 -10.15
C ASP A 782 -39.47 -23.49 -9.80
N LEU A 783 -39.57 -24.02 -8.57
CA LEU A 783 -40.72 -24.79 -8.11
C LEU A 783 -41.90 -23.92 -7.72
N ASP A 784 -42.83 -24.50 -6.98
CA ASP A 784 -44.00 -23.75 -6.54
C ASP A 784 -43.63 -22.80 -5.41
N GLY A 785 -43.49 -23.35 -4.19
CA GLY A 785 -42.95 -22.59 -3.08
C GLY A 785 -41.46 -22.85 -2.99
N GLY A 786 -40.76 -22.68 -4.12
CA GLY A 786 -39.33 -22.97 -4.19
C GLY A 786 -38.43 -21.85 -3.66
N PRO A 787 -37.14 -22.15 -3.48
CA PRO A 787 -36.16 -21.08 -3.28
C PRO A 787 -36.26 -20.07 -4.44
N SER A 788 -35.86 -18.83 -4.20
CA SER A 788 -35.79 -17.85 -5.29
C SER A 788 -34.55 -18.14 -6.17
N PRO A 789 -34.55 -17.66 -7.42
CA PRO A 789 -33.39 -17.90 -8.29
C PRO A 789 -32.06 -17.32 -7.77
N GLN A 790 -31.01 -18.15 -7.73
CA GLN A 790 -29.64 -17.69 -7.46
C GLN A 790 -29.06 -16.64 -8.47
N ALA A 791 -28.45 -15.61 -7.86
CA ALA A 791 -27.82 -14.48 -8.53
C ALA A 791 -26.38 -14.75 -8.96
N TRP A 792 -26.07 -14.52 -10.23
CA TRP A 792 -24.70 -14.63 -10.69
C TRP A 792 -24.17 -13.29 -11.14
N ASN A 793 -22.94 -12.96 -10.74
CA ASN A 793 -22.26 -11.79 -11.28
C ASN A 793 -21.56 -12.16 -12.57
N ILE A 794 -22.02 -11.59 -13.68
CA ILE A 794 -21.42 -11.83 -14.97
C ILE A 794 -20.56 -10.63 -15.23
N SER A 795 -19.35 -10.85 -15.68
CA SER A 795 -18.45 -9.72 -15.89
C SER A 795 -17.49 -9.97 -17.05
N HIS A 796 -16.94 -8.88 -17.56
CA HIS A 796 -16.11 -8.88 -18.77
C HIS A 796 -14.67 -9.00 -18.33
N VAL A 797 -13.90 -9.84 -18.99
CA VAL A 797 -12.48 -10.01 -18.59
C VAL A 797 -11.57 -8.96 -19.28
N PRO A 798 -11.01 -8.02 -18.50
CA PRO A 798 -10.27 -6.92 -19.14
C PRO A 798 -9.24 -7.40 -20.17
N GLY A 799 -9.11 -6.67 -21.27
CA GLY A 799 -8.20 -7.06 -22.34
C GLY A 799 -8.62 -8.30 -23.13
N THR A 800 -9.83 -8.78 -22.92
CA THR A 800 -10.28 -9.92 -23.73
C THR A 800 -11.65 -9.67 -24.29
N ASP A 801 -12.09 -10.58 -25.14
CA ASP A 801 -13.48 -10.61 -25.50
C ASP A 801 -14.28 -11.71 -24.75
N MET A 802 -13.87 -12.10 -23.56
CA MET A 802 -14.50 -13.22 -22.84
C MET A 802 -15.19 -12.74 -21.58
N TYR A 803 -16.09 -13.56 -21.02
CA TYR A 803 -16.82 -13.22 -19.79
C TYR A 803 -16.63 -14.28 -18.74
N GLU A 804 -16.75 -13.87 -17.48
CA GLU A 804 -16.70 -14.78 -16.38
C GLU A 804 -18.02 -14.68 -15.61
N ILE A 805 -18.52 -15.83 -15.17
CA ILE A 805 -19.71 -15.94 -14.34
C ILE A 805 -19.35 -16.34 -12.91
N ALA A 806 -19.53 -15.42 -11.97
CA ALA A 806 -19.14 -15.72 -10.58
C ALA A 806 -20.30 -15.56 -9.62
N HIS A 807 -20.44 -16.56 -8.77
CA HIS A 807 -21.55 -16.70 -7.85
C HIS A 807 -21.55 -15.51 -6.98
N ALA A 808 -22.72 -14.88 -6.90
CA ALA A 808 -22.87 -13.59 -6.24
C ALA A 808 -22.59 -13.66 -4.76
N LYS A 809 -23.16 -14.67 -4.07
CA LYS A 809 -22.86 -14.87 -2.66
C LYS A 809 -21.44 -15.37 -2.36
N THR A 810 -21.02 -16.49 -2.94
CA THR A 810 -19.71 -17.05 -2.56
C THR A 810 -18.51 -16.48 -3.28
N GLY A 811 -18.65 -16.03 -4.54
CA GLY A 811 -17.47 -15.63 -5.29
C GLY A 811 -17.02 -16.69 -6.30
N SER A 812 -17.57 -17.90 -6.15
CA SER A 812 -17.18 -19.05 -6.95
C SER A 812 -17.41 -18.87 -8.45
N LEU A 813 -16.36 -19.10 -9.26
CA LEU A 813 -16.51 -19.02 -10.73
C LEU A 813 -17.13 -20.30 -11.29
N VAL A 814 -18.13 -20.15 -12.17
CA VAL A 814 -18.63 -21.27 -12.96
C VAL A 814 -17.51 -21.76 -13.87
N CYS A 815 -17.24 -23.06 -13.76
CA CYS A 815 -16.05 -23.60 -14.33
C CYS A 815 -16.25 -25.06 -14.71
N ALA A 816 -15.79 -25.44 -15.89
CA ALA A 816 -15.89 -26.83 -16.32
C ALA A 816 -14.77 -27.66 -15.72
N ARG A 817 -15.13 -28.83 -15.20
CA ARG A 817 -14.15 -29.75 -14.60
C ARG A 817 -13.10 -30.29 -15.59
N TRP A 818 -11.89 -30.63 -15.13
CA TRP A 818 -10.89 -31.06 -16.11
C TRP A 818 -11.13 -32.49 -16.58
N PRO A 819 -11.03 -32.75 -17.91
CA PRO A 819 -10.83 -31.87 -19.05
C PRO A 819 -12.15 -31.43 -19.70
N PRO A 820 -12.14 -30.29 -20.43
CA PRO A 820 -13.39 -29.81 -21.02
C PRO A 820 -13.73 -30.64 -22.24
N VAL A 821 -14.56 -31.67 -22.06
CA VAL A 821 -14.98 -32.51 -23.17
C VAL A 821 -16.49 -32.58 -23.22
N LYS A 822 -16.99 -33.21 -24.29
CA LYS A 822 -18.39 -33.50 -24.42
C LYS A 822 -18.86 -34.17 -23.11
N ASN A 823 -19.85 -33.55 -22.44
CA ASN A 823 -20.61 -34.18 -21.34
C ASN A 823 -19.94 -34.01 -19.98
N GLN A 824 -19.05 -33.01 -19.91
CA GLN A 824 -18.25 -32.79 -18.70
C GLN A 824 -19.10 -32.02 -17.72
N ARG A 825 -18.97 -32.34 -16.43
CA ARG A 825 -19.76 -31.74 -15.38
C ARG A 825 -19.30 -30.32 -15.14
N VAL A 826 -20.06 -29.53 -14.42
CA VAL A 826 -19.66 -28.14 -14.18
C VAL A 826 -19.70 -27.82 -12.68
N ALA A 827 -18.80 -26.95 -12.21
CA ALA A 827 -18.71 -26.68 -10.77
C ALA A 827 -18.33 -25.24 -10.46
N GLY A 828 -18.25 -24.93 -9.16
CA GLY A 828 -17.75 -23.66 -8.69
C GLY A 828 -16.33 -23.77 -8.16
N THR A 829 -15.56 -22.71 -8.34
CA THR A 829 -14.18 -22.69 -7.89
C THR A 829 -13.69 -21.28 -7.71
N HIS A 830 -12.88 -21.11 -6.67
CA HIS A 830 -11.92 -20.01 -6.53
C HIS A 830 -10.52 -20.46 -6.97
N SER A 831 -10.43 -21.59 -7.67
CA SER A 831 -9.12 -22.09 -8.13
C SER A 831 -9.10 -22.36 -9.63
N PRO A 832 -9.37 -21.30 -10.42
CA PRO A 832 -9.42 -21.46 -11.86
C PRO A 832 -8.08 -21.97 -12.42
N ALA A 833 -8.16 -22.67 -13.55
CA ALA A 833 -7.01 -22.93 -14.42
C ALA A 833 -6.38 -21.62 -14.84
N ALA A 834 -5.11 -21.66 -15.20
CA ALA A 834 -4.42 -20.48 -15.65
C ALA A 834 -5.14 -19.88 -16.87
N MET A 835 -5.05 -18.55 -17.02
CA MET A 835 -5.64 -17.85 -18.17
C MET A 835 -7.13 -18.25 -18.28
N GLY A 836 -7.70 -18.58 -17.10
CA GLY A 836 -9.11 -18.97 -16.95
C GLY A 836 -9.66 -19.86 -18.06
N LEU A 837 -8.98 -20.98 -18.32
CA LEU A 837 -9.21 -21.74 -19.54
C LEU A 837 -10.56 -22.42 -19.56
N THR A 838 -11.07 -22.73 -18.39
CA THR A 838 -12.28 -23.53 -18.28
C THR A 838 -13.34 -22.73 -17.47
N SER A 839 -13.04 -21.45 -17.20
CA SER A 839 -13.95 -20.57 -16.48
C SER A 839 -14.11 -19.21 -17.14
N ARG A 840 -13.92 -19.14 -18.44
CA ARG A 840 -14.27 -17.92 -19.21
C ARG A 840 -15.10 -18.33 -20.41
N TRP A 841 -15.86 -17.39 -20.99
CA TRP A 841 -16.91 -17.72 -21.94
C TRP A 841 -17.09 -16.72 -23.01
N ALA A 842 -17.27 -17.21 -24.22
CA ALA A 842 -17.64 -16.34 -25.36
C ALA A 842 -19.15 -16.33 -25.43
N VAL A 843 -19.70 -15.14 -25.58
CA VAL A 843 -21.13 -14.99 -25.58
C VAL A 843 -21.71 -14.82 -26.99
N THR A 844 -22.80 -15.52 -27.30
CA THR A 844 -23.66 -15.16 -28.43
C THR A 844 -25.08 -14.93 -27.94
N LYS A 845 -25.81 -14.10 -28.68
CA LYS A 845 -27.21 -13.79 -28.39
C LYS A 845 -27.99 -14.27 -29.59
N ASN A 846 -29.00 -15.13 -29.39
CA ASN A 846 -29.90 -15.49 -30.51
C ASN A 846 -30.99 -14.45 -30.79
N THR A 847 -31.68 -14.63 -31.92
CA THR A 847 -32.71 -13.70 -32.38
C THR A 847 -33.86 -13.56 -31.36
N LYS A 848 -34.07 -14.59 -30.54
CA LYS A 848 -35.01 -14.51 -29.41
C LYS A 848 -34.50 -13.62 -28.29
N GLY A 849 -33.18 -13.53 -28.15
CA GLY A 849 -32.57 -12.73 -27.07
C GLY A 849 -31.88 -13.61 -26.04
N GLN A 850 -31.90 -14.92 -26.29
CA GLN A 850 -31.28 -15.93 -25.42
C GLN A 850 -29.76 -16.07 -25.57
N ILE A 851 -29.10 -16.17 -24.43
CA ILE A 851 -27.63 -16.13 -24.37
C ILE A 851 -27.00 -17.52 -24.37
N THR A 852 -25.87 -17.64 -25.08
CA THR A 852 -25.07 -18.85 -25.04
C THR A 852 -23.69 -18.55 -24.44
N PHE A 853 -23.14 -19.46 -23.66
CA PHE A 853 -21.82 -19.29 -23.10
C PHE A 853 -20.90 -20.39 -23.63
N ARG A 854 -19.90 -20.02 -24.45
CA ARG A 854 -19.01 -21.02 -25.02
C ARG A 854 -17.60 -21.00 -24.40
N LEU A 855 -17.05 -22.20 -24.18
CA LEU A 855 -15.67 -22.34 -23.73
C LEU A 855 -14.69 -21.95 -24.84
N PRO A 856 -13.46 -21.55 -24.46
CA PRO A 856 -12.34 -21.47 -25.42
C PRO A 856 -12.26 -22.81 -26.18
N GLU A 857 -12.18 -22.75 -27.50
CA GLU A 857 -12.27 -23.99 -28.23
C GLU A 857 -10.91 -24.67 -28.23
N ALA A 858 -10.87 -25.84 -27.60
CA ALA A 858 -9.71 -26.72 -27.49
C ALA A 858 -9.20 -27.22 -28.85
N PRO A 859 -7.92 -27.68 -28.90
CA PRO A 859 -7.33 -27.98 -30.23
C PRO A 859 -8.18 -28.85 -31.16
N ASP A 860 -8.73 -29.96 -30.69
CA ASP A 860 -9.30 -30.93 -31.64
C ASP A 860 -10.73 -31.32 -31.41
N HIS A 861 -11.35 -30.62 -30.48
CA HIS A 861 -12.73 -30.91 -30.13
C HIS A 861 -13.60 -29.79 -30.64
N GLY A 862 -14.92 -29.96 -30.56
CA GLY A 862 -15.81 -28.95 -31.10
C GLY A 862 -16.01 -27.84 -30.11
N PRO A 863 -16.90 -26.88 -30.44
CA PRO A 863 -17.36 -25.92 -29.44
C PRO A 863 -18.12 -26.66 -28.33
N LEU A 864 -17.94 -26.24 -27.08
CA LEU A 864 -18.67 -26.79 -25.93
C LEU A 864 -19.38 -25.64 -25.22
N PHE A 865 -20.69 -25.77 -25.00
CA PHE A 865 -21.48 -24.67 -24.45
C PHE A 865 -21.97 -25.00 -23.04
N LEU A 866 -22.22 -23.98 -22.20
CA LEU A 866 -22.86 -24.23 -20.89
C LEU A 866 -24.28 -24.77 -21.15
N SER A 867 -24.60 -25.93 -20.57
CA SER A 867 -25.86 -26.58 -20.89
C SER A 867 -26.49 -27.42 -19.79
N VAL A 868 -27.82 -27.48 -19.84
CA VAL A 868 -28.61 -28.44 -19.06
C VAL A 868 -28.44 -29.77 -19.76
N SER A 869 -28.78 -30.88 -19.10
CA SER A 869 -28.65 -32.18 -19.72
C SER A 869 -29.95 -32.91 -19.97
N ALA A 870 -31.08 -32.26 -19.65
CA ALA A 870 -32.40 -32.92 -19.79
C ALA A 870 -33.56 -31.96 -20.11
N ILE A 871 -34.79 -32.47 -20.01
CA ILE A 871 -36.00 -31.72 -20.34
C ILE A 871 -37.18 -32.15 -19.42
N ASP A 878 -34.82 -31.95 -6.77
CA ASP A 878 -34.91 -32.34 -8.17
C ASP A 878 -34.20 -31.33 -9.07
N ALA A 879 -32.93 -31.63 -9.33
CA ALA A 879 -32.04 -30.77 -10.10
C ALA A 879 -31.69 -31.44 -11.41
N ILE A 880 -31.64 -30.64 -12.47
CA ILE A 880 -31.04 -31.08 -13.70
C ILE A 880 -29.56 -30.70 -13.58
N PRO A 881 -28.63 -31.67 -13.75
CA PRO A 881 -27.18 -31.35 -13.78
C PRO A 881 -26.77 -30.51 -14.98
N VAL A 882 -25.64 -29.83 -14.83
CA VAL A 882 -25.17 -28.88 -15.82
C VAL A 882 -23.85 -29.37 -16.38
N ILE A 883 -23.86 -29.67 -17.67
CA ILE A 883 -22.68 -30.09 -18.37
C ILE A 883 -22.20 -29.00 -19.34
N VAL A 884 -21.05 -29.25 -19.97
CA VAL A 884 -20.79 -28.62 -21.24
C VAL A 884 -21.00 -29.64 -22.34
N GLN A 885 -21.60 -29.18 -23.44
CA GLN A 885 -21.85 -29.99 -24.63
C GLN A 885 -21.99 -29.05 -25.83
N GLY A 886 -22.14 -29.59 -27.05
CA GLY A 886 -22.17 -28.76 -28.24
C GLY A 886 -22.88 -29.34 -29.41
N ASP A 887 -23.70 -30.35 -29.17
CA ASP A 887 -24.48 -31.04 -30.20
C ASP A 887 -25.88 -30.43 -30.36
N SER A 888 -26.39 -29.86 -29.27
CA SER A 888 -27.78 -29.38 -29.20
C SER A 888 -27.85 -27.91 -28.82
N ILE A 889 -28.34 -27.10 -29.77
CA ILE A 889 -28.52 -25.66 -29.54
C ILE A 889 -29.49 -25.46 -28.39
N GLU A 890 -30.64 -26.10 -28.50
CA GLU A 890 -31.74 -26.04 -27.56
C GLU A 890 -31.36 -26.18 -26.07
N LEU A 891 -30.41 -27.03 -25.74
CA LEU A 891 -30.02 -27.25 -24.34
C LEU A 891 -29.05 -26.20 -23.81
N SER A 892 -28.62 -25.27 -24.66
CA SER A 892 -27.63 -24.28 -24.29
C SER A 892 -28.10 -22.83 -24.40
N ALA A 893 -29.40 -22.61 -24.57
CA ALA A 893 -29.95 -21.26 -24.63
C ALA A 893 -30.43 -20.84 -23.23
N TRP A 894 -29.98 -19.66 -22.77
CA TRP A 894 -30.31 -19.16 -21.43
C TRP A 894 -30.98 -17.84 -21.50
N SER A 895 -31.90 -17.59 -20.57
CA SER A 895 -32.48 -16.26 -20.38
C SER A 895 -31.87 -15.54 -19.17
N LEU A 896 -31.51 -14.27 -19.35
CA LEU A 896 -30.91 -13.49 -18.28
C LEU A 896 -31.90 -12.49 -17.74
N VAL A 897 -32.22 -12.61 -16.46
CA VAL A 897 -33.13 -11.70 -15.81
C VAL A 897 -32.29 -10.88 -14.86
N PRO A 898 -32.32 -9.55 -14.98
CA PRO A 898 -31.57 -8.84 -13.93
C PRO A 898 -32.00 -9.32 -12.52
N ALA A 899 -31.03 -9.72 -11.71
CA ALA A 899 -31.28 -10.16 -10.32
C ALA A 899 -30.59 -9.23 -9.32
N ASN A 900 -30.76 -9.50 -8.03
CA ASN A 900 -30.08 -8.68 -7.01
C ASN A 900 -29.00 -9.35 -6.14
#